data_9CR8
#
_entry.id   9CR8
#
_cell.length_a   1.00
_cell.length_b   1.00
_cell.length_c   1.00
_cell.angle_alpha   90.00
_cell.angle_beta   90.00
_cell.angle_gamma   90.00
#
_symmetry.space_group_name_H-M   'P 1'
#
loop_
_entity.id
_entity.type
_entity.pdbx_description
1 polymer 'ATP-dependent translocase ABCB1'
2 non-polymer 'UNKNOWN BRANCHED FRAGMENT OF PHOSPHOLIPID'
#
_entity_poly.entity_id   1
_entity_poly.type   'polypeptide(L)'
_entity_poly.pdbx_seq_one_letter_code
;MDLEGDRNGGAKKKNFFKLNNKSEKDKKEKKPTVSVFSMFRYSNWLDKLYMVVGTLAAIIHGAGLPLMMLVFGEMTDIFA
NAGNLEDLMSNITNRSDINDTGFFMNLEEDMTRYAYYYSGIGAGVLVAAYIQVSFWCLAAGRQIHKIRKQFFHAIMRQEI
GWFDVHDVGELNTRLTDDVSKINEGIGDKIGMFFQSMATFFTGFIVGFTRGWKLTLVILAISPVLGLSAAVWAKILSSFT
DKELLAYAKAGAVAEEVLAAIRTVIAFGGQKKELERYNKNLEEAKRIGIKKAITANISIGAAFLLIYASYALAFWYGTTL
VLSGEYSIGQVLTVFFSVLIGAFSVGQASPSIEAFANARGAAYEIFKIIDNKPSIDSYSKSGHKPDNIKGNLEFRNVHFS
YPSRKEVKILKGLNLKVQSGQTVALVGNSGCGKSTTVQLMQRLYDPTEGMVSVDGQDIRTINVRFLREIIGVVSQEPVLF
ATTIAENIRYGRENVTMDEIEKAVKEANAYDFIMKLPHKFDTLVGERGAQLSGGQKQRIAIARALVRNPKILLLDEATSA
LDTESEAVVQVALDKARKGRTTIVIAHRLSTVRNADVIAGFDDGVIVEKGNHDELMKEKGIYFKLVTMQTAGNEVELENA
ADESKSEIDALEMSSNDSRSSLIRKRSTRRSVRGSQAQDRKLSTKEALDESIPPVSFWRIMKLNLTEWPYFVVGVFCAII
NGGLQPAFAIIFSKIIGVFTRIDDPETKRQNSNLFSLLFLALGIISFITFFLQGFTFGKAGEILTKRLRYMVFRSMLRQD
VSWFDDPKNTTGALTTRLANDAAQVKGAIGSRLAVITQNIANLGTGIIISFIYGWQLTLLLLAIVPIIAIAGVVEMKMLS
GQALKDKKELEGSGKIATEAIENFRTVVSLTQEQKFEHMYAQSLQVPYRNSLRKAHIFGITFSFTQAMMYFSYAGCFRFG
AYLVAHKLMSFEDVLLVFSAVVFGAMAVGQVSSFAPDYAKAKISAAHIIMIIEKTPLIDSYSTEGLMPNTLEGNVTFGEV
VFNYPTRPDIPVLQGLSLEVKKGQTLALVGSSGCGKSTVVQLLERFYDPLAGKVLLDGKEIKRLNVQWLRAHLGIVSQEP
ILFDCSIAENIAYGDNSRVVSQEEIVRAAKEANIHAFIESLPNKYSTKVGDKGTQLSGGQKQRIAIARALVRQPHILLLD
EATSALDTESEKVVQEALDKAREGRTCIVIAHRLSTIQNADLIVVFQNGRVKEHGTHQQLLAQKGIYFSMVSVQAGTKRQ
;
_entity_poly.pdbx_strand_id   A
#
# COMPACT_ATOMS: atom_id res chain seq x y z
N THR A 33 -15.63 -5.51 2.65
CA THR A 33 -15.92 -4.08 2.63
C THR A 33 -17.12 -3.77 1.74
N VAL A 34 -17.21 -4.46 0.59
CA VAL A 34 -18.33 -4.26 -0.32
C VAL A 34 -19.48 -5.20 0.01
N SER A 35 -19.24 -6.51 -0.06
CA SER A 35 -20.23 -7.54 0.23
C SER A 35 -19.53 -8.88 0.23
N VAL A 36 -20.33 -9.95 0.24
CA VAL A 36 -19.82 -11.30 0.10
C VAL A 36 -20.18 -11.92 -1.24
N PHE A 37 -21.22 -11.44 -1.93
CA PHE A 37 -21.63 -11.95 -3.22
C PHE A 37 -21.39 -10.95 -4.34
N SER A 38 -20.53 -9.96 -4.11
CA SER A 38 -20.22 -8.96 -5.12
C SER A 38 -18.84 -9.11 -5.73
N MET A 39 -17.92 -9.82 -5.07
CA MET A 39 -16.62 -10.07 -5.68
C MET A 39 -16.74 -10.97 -6.90
N PHE A 40 -17.77 -11.83 -6.94
CA PHE A 40 -18.02 -12.68 -8.09
C PHE A 40 -18.95 -12.01 -9.09
N ARG A 41 -18.61 -10.77 -9.45
CA ARG A 41 -19.44 -10.02 -10.39
C ARG A 41 -19.26 -10.51 -11.83
N TYR A 42 -18.02 -10.79 -12.22
CA TYR A 42 -17.71 -11.23 -13.58
C TYR A 42 -17.65 -12.75 -13.57
N SER A 43 -18.81 -13.38 -13.79
CA SER A 43 -18.87 -14.84 -13.81
C SER A 43 -20.09 -15.27 -14.62
N ASN A 44 -19.85 -15.92 -15.75
CA ASN A 44 -20.93 -16.40 -16.60
C ASN A 44 -21.38 -17.77 -16.11
N TRP A 45 -22.20 -18.45 -16.93
CA TRP A 45 -22.71 -19.76 -16.52
C TRP A 45 -21.60 -20.77 -16.34
N LEU A 46 -20.59 -20.73 -17.21
CA LEU A 46 -19.49 -21.70 -17.12
C LEU A 46 -18.71 -21.54 -15.83
N ASP A 47 -18.41 -20.30 -15.43
CA ASP A 47 -17.69 -20.08 -14.18
C ASP A 47 -18.52 -20.50 -12.98
N LYS A 48 -19.84 -20.23 -13.02
CA LYS A 48 -20.71 -20.67 -11.95
C LYS A 48 -20.71 -22.20 -11.82
N LEU A 49 -20.78 -22.89 -12.96
CA LEU A 49 -20.74 -24.36 -12.93
C LEU A 49 -19.41 -24.85 -12.39
N TYR A 50 -18.32 -24.20 -12.81
CA TYR A 50 -16.99 -24.55 -12.30
C TYR A 50 -16.95 -24.44 -10.78
N MET A 51 -17.43 -23.32 -10.25
CA MET A 51 -17.40 -23.10 -8.81
C MET A 51 -18.29 -24.10 -8.07
N VAL A 52 -19.48 -24.39 -8.60
CA VAL A 52 -20.39 -25.30 -7.93
C VAL A 52 -19.81 -26.71 -7.90
N VAL A 53 -19.31 -27.18 -9.04
CA VAL A 53 -18.72 -28.52 -9.07
C VAL A 53 -17.48 -28.58 -8.18
N GLY A 54 -16.68 -27.51 -8.17
CA GLY A 54 -15.50 -27.51 -7.32
C GLY A 54 -15.84 -27.60 -5.84
N THR A 55 -16.84 -26.83 -5.40
CA THR A 55 -17.21 -26.88 -3.99
C THR A 55 -17.89 -28.20 -3.64
N LEU A 56 -18.65 -28.80 -4.56
CA LEU A 56 -19.21 -30.12 -4.27
C LEU A 56 -18.12 -31.17 -4.15
N ALA A 57 -17.12 -31.14 -5.04
CA ALA A 57 -16.02 -32.08 -4.93
C ALA A 57 -15.23 -31.85 -3.66
N ALA A 58 -15.06 -30.59 -3.25
CA ALA A 58 -14.36 -30.30 -2.01
C ALA A 58 -15.14 -30.82 -0.81
N ILE A 59 -16.45 -30.67 -0.82
CA ILE A 59 -17.28 -31.20 0.27
C ILE A 59 -17.14 -32.72 0.35
N ILE A 60 -17.15 -33.38 -0.81
CA ILE A 60 -16.97 -34.84 -0.82
C ILE A 60 -15.59 -35.21 -0.28
N HIS A 61 -14.55 -34.49 -0.70
CA HIS A 61 -13.19 -34.81 -0.28
C HIS A 61 -13.00 -34.61 1.21
N GLY A 62 -13.57 -33.54 1.76
CA GLY A 62 -13.37 -33.25 3.18
C GLY A 62 -13.95 -34.32 4.07
N ALA A 63 -15.09 -34.90 3.68
CA ALA A 63 -15.76 -35.92 4.47
C ALA A 63 -15.24 -37.32 4.16
N GLY A 64 -14.01 -37.44 3.68
CA GLY A 64 -13.45 -38.74 3.36
C GLY A 64 -12.56 -39.29 4.45
N LEU A 65 -11.63 -38.47 4.94
CA LEU A 65 -10.69 -38.93 5.96
C LEU A 65 -11.39 -39.38 7.24
N PRO A 66 -12.37 -38.65 7.80
CA PRO A 66 -13.09 -39.20 8.96
C PRO A 66 -13.81 -40.50 8.66
N LEU A 67 -14.29 -40.69 7.42
CA LEU A 67 -15.02 -41.91 7.10
C LEU A 67 -14.08 -43.12 7.00
N MET A 68 -12.84 -42.84 6.61
CA MET A 68 -11.84 -43.92 6.55
C MET A 68 -11.64 -44.46 7.97
N MET A 69 -11.64 -43.58 8.97
CA MET A 69 -11.47 -44.02 10.38
C MET A 69 -12.57 -45.03 10.69
N LEU A 70 -13.81 -44.76 10.30
CA LEU A 70 -14.94 -45.68 10.60
C LEU A 70 -14.65 -47.08 10.06
N VAL A 71 -14.28 -47.17 8.78
CA VAL A 71 -14.08 -48.52 8.18
C VAL A 71 -12.84 -49.17 8.80
N PHE A 72 -11.79 -48.39 9.13
CA PHE A 72 -10.60 -48.95 9.80
C PHE A 72 -11.04 -49.60 11.10
N GLY A 73 -11.86 -48.89 11.88
CA GLY A 73 -12.35 -49.43 13.16
C GLY A 73 -13.18 -50.69 12.96
N GLU A 74 -14.07 -50.69 11.95
CA GLU A 74 -14.85 -51.93 11.68
C GLU A 74 -13.88 -53.08 11.41
N MET A 75 -12.87 -52.84 10.56
CA MET A 75 -11.90 -53.91 10.20
C MET A 75 -11.19 -54.40 11.45
N THR A 76 -10.75 -53.49 12.34
CA THR A 76 -10.00 -53.90 13.55
C THR A 76 -10.92 -54.73 14.45
N ASP A 77 -12.17 -54.30 14.61
CA ASP A 77 -13.15 -55.08 15.42
C ASP A 77 -13.27 -56.49 14.84
N ILE A 78 -13.41 -56.60 13.51
CA ILE A 78 -13.58 -57.94 12.88
C ILE A 78 -12.30 -58.77 13.14
N PHE A 79 -11.13 -58.17 12.99
CA PHE A 79 -9.85 -58.90 13.13
C PHE A 79 -9.67 -59.35 14.58
N ALA A 80 -9.89 -58.44 15.53
CA ALA A 80 -9.72 -58.79 16.94
C ALA A 80 -10.38 -60.12 17.26
N ASN A 81 -11.56 -60.38 16.69
CA ASN A 81 -12.29 -61.61 16.93
C ASN A 81 -11.60 -62.80 16.28
N ASN A 106 -13.52 -67.70 6.26
CA ASN A 106 -14.44 -66.62 6.56
C ASN A 106 -13.68 -65.33 6.85
N LEU A 107 -12.44 -65.48 7.32
CA LEU A 107 -11.61 -64.30 7.59
C LEU A 107 -11.34 -63.51 6.32
N GLU A 108 -11.03 -64.21 5.22
CA GLU A 108 -10.68 -63.53 3.99
C GLU A 108 -11.89 -62.80 3.40
N GLU A 109 -13.09 -63.35 3.56
CA GLU A 109 -14.29 -62.70 3.02
C GLU A 109 -14.54 -61.36 3.69
N ASP A 110 -14.42 -61.31 5.02
CA ASP A 110 -14.58 -60.05 5.73
C ASP A 110 -13.44 -59.09 5.43
N MET A 111 -12.21 -59.61 5.35
CA MET A 111 -11.06 -58.76 5.08
C MET A 111 -11.14 -58.12 3.70
N THR A 112 -11.52 -58.90 2.68
CA THR A 112 -11.58 -58.39 1.32
C THR A 112 -12.80 -57.49 1.09
N ARG A 113 -13.86 -57.63 1.88
CA ARG A 113 -15.02 -56.76 1.71
C ARG A 113 -14.69 -55.33 2.11
N TYR A 114 -14.09 -55.14 3.27
CA TYR A 114 -13.69 -53.81 3.71
C TYR A 114 -12.47 -53.30 2.95
N ALA A 115 -11.63 -54.20 2.43
CA ALA A 115 -10.52 -53.76 1.60
C ALA A 115 -11.00 -53.05 0.34
N TYR A 116 -12.06 -53.58 -0.28
CA TYR A 116 -12.66 -52.88 -1.40
C TYR A 116 -13.38 -51.61 -0.94
N TYR A 117 -13.97 -51.64 0.25
CA TYR A 117 -14.51 -50.42 0.84
C TYR A 117 -13.40 -49.40 1.11
N TYR A 118 -12.27 -49.87 1.66
CA TYR A 118 -11.14 -48.99 1.91
C TYR A 118 -10.57 -48.44 0.60
N SER A 119 -10.44 -49.31 -0.41
CA SER A 119 -9.93 -48.85 -1.70
C SER A 119 -10.95 -47.99 -2.43
N GLY A 120 -12.25 -48.25 -2.23
CA GLY A 120 -13.27 -47.45 -2.88
C GLY A 120 -13.28 -46.02 -2.40
N ILE A 121 -13.15 -45.82 -1.09
CA ILE A 121 -13.07 -44.46 -0.55
C ILE A 121 -11.81 -43.76 -1.02
N GLY A 122 -10.69 -44.48 -1.05
CA GLY A 122 -9.44 -43.86 -1.47
C GLY A 122 -9.46 -43.41 -2.92
N ALA A 123 -10.08 -44.22 -3.80
CA ALA A 123 -10.16 -43.84 -5.21
C ALA A 123 -11.00 -42.60 -5.41
N GLY A 124 -12.12 -42.50 -4.71
CA GLY A 124 -13.00 -41.34 -4.89
C GLY A 124 -12.37 -40.05 -4.42
N VAL A 125 -11.70 -40.07 -3.27
CA VAL A 125 -11.10 -38.84 -2.75
C VAL A 125 -9.91 -38.42 -3.61
N LEU A 126 -9.22 -39.38 -4.24
CA LEU A 126 -8.13 -39.03 -5.14
C LEU A 126 -8.65 -38.25 -6.34
N VAL A 127 -9.79 -38.67 -6.90
CA VAL A 127 -10.42 -37.90 -7.97
C VAL A 127 -10.96 -36.59 -7.43
N ALA A 128 -11.59 -36.62 -6.25
CA ALA A 128 -12.18 -35.41 -5.69
C ALA A 128 -11.12 -34.37 -5.37
N ALA A 129 -9.94 -34.81 -4.95
CA ALA A 129 -8.86 -33.87 -4.68
C ALA A 129 -8.45 -33.11 -5.93
N TYR A 130 -8.40 -33.81 -7.07
CA TYR A 130 -8.08 -33.15 -8.33
C TYR A 130 -9.17 -32.16 -8.74
N ILE A 131 -10.44 -32.58 -8.65
CA ILE A 131 -11.53 -31.72 -9.08
C ILE A 131 -11.65 -30.49 -8.19
N GLN A 132 -11.37 -30.63 -6.90
CA GLN A 132 -11.52 -29.52 -5.96
C GLN A 132 -10.58 -28.37 -6.31
N VAL A 133 -9.34 -28.67 -6.66
CA VAL A 133 -8.36 -27.63 -6.96
C VAL A 133 -8.40 -27.23 -8.43
N SER A 134 -8.54 -28.20 -9.34
CA SER A 134 -8.49 -27.90 -10.77
C SER A 134 -9.61 -26.97 -11.19
N PHE A 135 -10.83 -27.21 -10.71
CA PHE A 135 -11.96 -26.39 -11.14
C PHE A 135 -11.99 -25.03 -10.47
N TRP A 136 -11.51 -24.92 -9.23
CA TRP A 136 -11.47 -23.60 -8.58
C TRP A 136 -10.38 -22.72 -9.18
N CYS A 137 -9.23 -23.31 -9.52
CA CYS A 137 -8.15 -22.52 -10.08
C CYS A 137 -8.43 -22.07 -11.51
N LEU A 138 -9.30 -22.80 -12.23
CA LEU A 138 -9.72 -22.33 -13.56
C LEU A 138 -10.69 -21.17 -13.44
N ALA A 139 -11.64 -21.24 -12.50
CA ALA A 139 -12.61 -20.17 -12.34
C ALA A 139 -11.95 -18.87 -11.91
N ALA A 140 -11.00 -18.95 -10.98
CA ALA A 140 -10.28 -17.75 -10.56
C ALA A 140 -9.45 -17.17 -11.70
N GLY A 141 -8.86 -18.04 -12.53
CA GLY A 141 -8.07 -17.56 -13.65
C GLY A 141 -8.90 -16.84 -14.70
N ARG A 142 -10.14 -17.29 -14.91
CA ARG A 142 -11.00 -16.65 -15.89
C ARG A 142 -11.57 -15.33 -15.39
N GLN A 143 -11.86 -15.23 -14.09
CA GLN A 143 -12.40 -13.99 -13.56
C GLN A 143 -11.33 -12.91 -13.45
N ILE A 144 -10.12 -13.29 -13.02
CA ILE A 144 -9.05 -12.30 -12.87
C ILE A 144 -8.67 -11.71 -14.22
N HIS A 145 -8.68 -12.52 -15.27
CA HIS A 145 -8.39 -12.00 -16.60
C HIS A 145 -9.42 -10.96 -17.01
N LYS A 146 -10.69 -11.18 -16.67
CA LYS A 146 -11.72 -10.18 -16.98
C LYS A 146 -11.63 -8.97 -16.06
N ILE A 147 -11.34 -9.18 -14.78
CA ILE A 147 -11.19 -8.05 -13.85
C ILE A 147 -9.99 -7.21 -14.23
N ARG A 148 -8.85 -7.85 -14.52
CA ARG A 148 -7.65 -7.11 -14.87
C ARG A 148 -7.82 -6.35 -16.17
N LYS A 149 -8.46 -6.97 -17.16
CA LYS A 149 -8.69 -6.29 -18.44
C LYS A 149 -9.72 -5.17 -18.30
N GLN A 150 -10.72 -5.35 -17.44
CA GLN A 150 -11.75 -4.32 -17.27
C GLN A 150 -11.24 -3.15 -16.42
N PHE A 151 -10.40 -3.44 -15.42
CA PHE A 151 -9.91 -2.38 -14.55
C PHE A 151 -9.05 -1.38 -15.32
N PHE A 152 -8.18 -1.88 -16.21
CA PHE A 152 -7.37 -0.96 -17.01
C PHE A 152 -8.22 -0.20 -18.01
N HIS A 153 -9.33 -0.79 -18.45
CA HIS A 153 -10.26 -0.05 -19.31
C HIS A 153 -10.86 1.14 -18.57
N ALA A 154 -11.18 0.97 -17.29
CA ALA A 154 -11.77 2.05 -16.51
C ALA A 154 -10.75 3.16 -16.26
N ILE A 155 -9.48 2.80 -16.07
CA ILE A 155 -8.46 3.81 -15.81
C ILE A 155 -8.28 4.73 -17.02
N MET A 156 -8.27 4.15 -18.21
CA MET A 156 -8.10 4.96 -19.42
C MET A 156 -9.32 5.81 -19.74
N ARG A 157 -10.44 5.60 -19.06
CA ARG A 157 -11.64 6.39 -19.31
C ARG A 157 -11.73 7.63 -18.44
N GLN A 158 -11.17 7.59 -17.23
CA GLN A 158 -11.22 8.73 -16.33
C GLN A 158 -10.48 9.92 -16.94
N GLU A 159 -11.05 11.11 -16.79
CA GLU A 159 -10.52 12.29 -17.44
C GLU A 159 -9.34 12.84 -16.64
N ILE A 160 -8.79 13.97 -17.12
CA ILE A 160 -7.60 14.55 -16.51
C ILE A 160 -7.90 15.05 -15.10
N GLY A 161 -9.11 15.56 -14.88
CA GLY A 161 -9.46 16.13 -13.59
C GLY A 161 -9.42 15.14 -12.44
N TRP A 162 -9.39 13.85 -12.74
CA TRP A 162 -9.31 12.81 -11.72
C TRP A 162 -7.89 12.30 -11.48
N PHE A 163 -7.02 12.37 -12.49
CA PHE A 163 -5.69 11.81 -12.34
C PHE A 163 -4.82 12.64 -11.39
N ASP A 164 -4.92 13.97 -11.48
CA ASP A 164 -4.09 14.82 -10.64
C ASP A 164 -4.41 14.65 -9.16
N VAL A 165 -5.66 14.34 -8.84
CA VAL A 165 -6.04 14.11 -7.45
C VAL A 165 -5.37 12.84 -6.91
N HIS A 166 -5.34 11.78 -7.72
CA HIS A 166 -4.74 10.52 -7.32
C HIS A 166 -3.24 10.56 -7.59
N ASP A 167 -2.58 9.41 -7.42
CA ASP A 167 -1.15 9.28 -7.60
C ASP A 167 -0.87 8.21 -8.65
N VAL A 168 0.07 8.50 -9.55
CA VAL A 168 0.43 7.53 -10.58
C VAL A 168 1.11 6.32 -9.97
N GLY A 169 2.02 6.54 -9.02
CA GLY A 169 2.65 5.43 -8.34
C GLY A 169 1.65 4.59 -7.56
N GLU A 170 0.71 5.24 -6.88
CA GLU A 170 -0.34 4.51 -6.17
C GLU A 170 -1.18 3.67 -7.13
N LEU A 171 -1.56 4.25 -8.27
CA LEU A 171 -2.38 3.52 -9.23
C LEU A 171 -1.62 2.32 -9.80
N ASN A 172 -0.36 2.51 -10.16
CA ASN A 172 0.41 1.39 -10.70
C ASN A 172 0.61 0.30 -9.65
N THR A 173 0.93 0.69 -8.42
CA THR A 173 1.11 -0.29 -7.35
C THR A 173 -0.18 -1.05 -7.09
N ARG A 174 -1.31 -0.35 -7.07
CA ARG A 174 -2.60 -1.03 -6.88
C ARG A 174 -2.87 -2.00 -8.00
N LEU A 175 -2.77 -1.55 -9.26
CA LEU A 175 -3.03 -2.43 -10.39
C LEU A 175 -2.11 -3.64 -10.38
N THR A 176 -0.87 -3.48 -9.92
CA THR A 176 0.05 -4.61 -9.89
C THR A 176 -0.24 -5.58 -8.76
N ASP A 177 -0.58 -5.08 -7.57
CA ASP A 177 -0.61 -5.93 -6.38
C ASP A 177 -2.01 -6.36 -5.95
N ASP A 178 -3.01 -5.48 -5.99
CA ASP A 178 -4.29 -5.86 -5.42
C ASP A 178 -5.06 -6.80 -6.33
N VAL A 179 -4.81 -6.77 -7.64
CA VAL A 179 -5.40 -7.77 -8.52
C VAL A 179 -4.85 -9.15 -8.19
N SER A 180 -3.54 -9.23 -7.94
CA SER A 180 -2.97 -10.49 -7.48
C SER A 180 -3.51 -10.89 -6.11
N LYS A 181 -3.77 -9.91 -5.25
CA LYS A 181 -4.37 -10.19 -3.95
C LYS A 181 -5.77 -10.79 -4.11
N ILE A 182 -6.57 -10.23 -5.02
CA ILE A 182 -7.88 -10.80 -5.31
C ILE A 182 -7.75 -12.21 -5.88
N ASN A 183 -6.78 -12.41 -6.77
CA ASN A 183 -6.55 -13.74 -7.32
C ASN A 183 -6.23 -14.75 -6.23
N GLU A 184 -5.39 -14.35 -5.28
CA GLU A 184 -5.10 -15.22 -4.14
C GLU A 184 -6.32 -15.43 -3.26
N GLY A 185 -7.22 -14.44 -3.21
CA GLY A 185 -8.39 -14.54 -2.36
C GLY A 185 -9.48 -15.45 -2.88
N ILE A 186 -9.88 -15.27 -4.14
CA ILE A 186 -10.97 -16.04 -4.72
C ILE A 186 -10.41 -17.28 -5.42
N GLY A 187 -9.13 -17.57 -5.17
CA GLY A 187 -8.48 -18.69 -5.83
C GLY A 187 -8.81 -20.02 -5.19
N ASP A 188 -7.81 -20.86 -4.97
CA ASP A 188 -8.09 -22.24 -4.45
C ASP A 188 -8.40 -22.20 -2.95
N LYS A 189 -8.14 -21.08 -2.28
CA LYS A 189 -8.32 -21.04 -0.83
C LYS A 189 -9.75 -21.37 -0.42
N ILE A 190 -10.73 -20.77 -1.10
CA ILE A 190 -12.13 -20.99 -0.72
C ILE A 190 -12.45 -22.47 -0.72
N GLY A 191 -12.04 -23.18 -1.78
CA GLY A 191 -12.26 -24.62 -1.81
C GLY A 191 -11.68 -25.30 -0.60
N MET A 192 -10.42 -25.00 -0.27
CA MET A 192 -9.79 -25.56 0.92
C MET A 192 -10.67 -25.34 2.14
N PHE A 193 -11.20 -24.12 2.29
CA PHE A 193 -12.04 -23.82 3.44
C PHE A 193 -13.15 -24.85 3.57
N PHE A 194 -13.89 -25.07 2.48
CA PHE A 194 -15.01 -26.00 2.55
C PHE A 194 -14.52 -27.38 2.95
N GLN A 195 -13.40 -27.83 2.37
CA GLN A 195 -12.84 -29.12 2.74
C GLN A 195 -12.70 -29.22 4.25
N SER A 196 -12.07 -28.22 4.87
CA SER A 196 -11.90 -28.25 6.31
C SER A 196 -13.24 -28.38 7.01
N MET A 197 -14.21 -27.53 6.64
CA MET A 197 -15.53 -27.64 7.24
C MET A 197 -16.15 -28.98 6.90
N ALA A 198 -15.99 -29.43 5.65
CA ALA A 198 -16.53 -30.73 5.27
C ALA A 198 -15.97 -31.83 6.15
N THR A 199 -14.72 -31.68 6.62
CA THR A 199 -14.19 -32.63 7.57
C THR A 199 -14.78 -32.40 8.96
N PHE A 200 -14.78 -31.14 9.41
CA PHE A 200 -15.01 -30.83 10.82
C PHE A 200 -16.31 -31.44 11.32
N PHE A 201 -17.43 -30.96 10.78
CA PHE A 201 -18.73 -31.51 11.15
C PHE A 201 -18.71 -33.03 11.03
N THR A 202 -18.23 -33.54 9.88
CA THR A 202 -18.20 -34.97 9.66
C THR A 202 -17.54 -35.69 10.83
N GLY A 203 -16.34 -35.24 11.20
CA GLY A 203 -15.65 -35.88 12.30
C GLY A 203 -16.50 -35.90 13.54
N PHE A 204 -17.01 -34.74 13.94
CA PHE A 204 -17.81 -34.68 15.14
C PHE A 204 -19.03 -35.58 15.02
N ILE A 205 -19.66 -35.60 13.84
CA ILE A 205 -20.83 -36.46 13.65
C ILE A 205 -20.45 -37.90 13.98
N VAL A 206 -19.33 -38.37 13.42
CA VAL A 206 -18.89 -39.72 13.72
C VAL A 206 -18.69 -39.87 15.23
N GLY A 207 -17.99 -38.91 15.83
CA GLY A 207 -17.73 -38.99 17.26
C GLY A 207 -19.00 -39.01 18.08
N PHE A 208 -20.07 -38.40 17.57
CA PHE A 208 -21.32 -38.36 18.31
C PHE A 208 -22.28 -39.46 17.88
N THR A 209 -21.97 -40.22 16.83
CA THR A 209 -22.81 -41.36 16.51
C THR A 209 -22.43 -42.59 17.34
N ARG A 210 -21.12 -42.82 17.50
CA ARG A 210 -20.63 -43.99 18.21
C ARG A 210 -20.31 -43.65 19.66
N GLY A 211 -21.33 -43.13 20.36
CA GLY A 211 -21.19 -42.84 21.78
C GLY A 211 -20.77 -41.41 22.06
N TRP A 212 -21.70 -40.60 22.56
CA TRP A 212 -21.40 -39.19 22.82
C TRP A 212 -20.52 -38.98 24.04
N LYS A 213 -20.51 -39.94 24.98
CA LYS A 213 -19.69 -39.78 26.17
C LYS A 213 -18.21 -39.71 25.82
N LEU A 214 -17.73 -40.67 25.02
CA LEU A 214 -16.29 -40.76 24.75
C LEU A 214 -15.76 -39.49 24.12
N THR A 215 -16.49 -38.94 23.15
CA THR A 215 -16.08 -37.68 22.54
C THR A 215 -15.90 -36.60 23.61
N LEU A 216 -16.87 -36.48 24.52
CA LEU A 216 -16.77 -35.48 25.58
C LEU A 216 -15.56 -35.72 26.45
N VAL A 217 -15.14 -36.98 26.62
CA VAL A 217 -13.90 -37.24 27.34
C VAL A 217 -12.70 -36.79 26.51
N ILE A 218 -12.70 -37.12 25.21
CA ILE A 218 -11.57 -36.79 24.36
C ILE A 218 -11.55 -35.30 24.04
N LEU A 219 -12.73 -34.66 23.97
CA LEU A 219 -12.78 -33.25 23.63
C LEU A 219 -12.09 -32.38 24.67
N ALA A 220 -12.03 -32.83 25.93
CA ALA A 220 -11.47 -32.03 27.00
C ALA A 220 -9.98 -32.32 27.24
N ILE A 221 -9.64 -33.59 27.41
CA ILE A 221 -8.27 -33.93 27.79
C ILE A 221 -7.30 -33.65 26.65
N SER A 222 -7.65 -34.08 25.44
CA SER A 222 -6.72 -34.07 24.32
C SER A 222 -6.27 -32.65 23.95
N PRO A 223 -5.20 -32.54 23.14
CA PRO A 223 -4.65 -31.21 22.79
C PRO A 223 -5.58 -30.29 22.00
N VAL A 224 -6.85 -30.69 21.82
CA VAL A 224 -7.75 -29.96 20.94
C VAL A 224 -7.93 -28.52 21.39
N LEU A 225 -8.11 -28.31 22.70
CA LEU A 225 -8.61 -27.03 23.19
C LEU A 225 -7.59 -25.91 23.02
N GLY A 226 -6.31 -26.19 23.27
CA GLY A 226 -5.30 -25.14 23.12
C GLY A 226 -5.17 -24.68 21.69
N LEU A 227 -5.15 -25.62 20.74
CA LEU A 227 -5.08 -25.26 19.33
C LEU A 227 -6.35 -24.54 18.89
N SER A 228 -7.51 -24.98 19.39
CA SER A 228 -8.76 -24.29 19.08
C SER A 228 -8.73 -22.85 19.58
N ALA A 229 -8.24 -22.63 20.80
CA ALA A 229 -8.12 -21.28 21.33
C ALA A 229 -7.14 -20.47 20.50
N ALA A 230 -6.03 -21.07 20.08
CA ALA A 230 -5.06 -20.37 19.25
C ALA A 230 -5.69 -19.91 17.94
N VAL A 231 -6.47 -20.80 17.30
CA VAL A 231 -7.07 -20.43 16.02
C VAL A 231 -8.21 -19.42 16.22
N TRP A 232 -8.97 -19.52 17.31
CA TRP A 232 -9.97 -18.49 17.58
C TRP A 232 -9.29 -17.14 17.78
N ALA A 233 -8.16 -17.12 18.49
CA ALA A 233 -7.41 -15.88 18.63
C ALA A 233 -6.91 -15.36 17.29
N LYS A 234 -6.47 -16.27 16.41
CA LYS A 234 -6.02 -15.86 15.09
C LYS A 234 -7.16 -15.20 14.31
N ILE A 235 -8.35 -15.80 14.35
CA ILE A 235 -9.50 -15.24 13.62
C ILE A 235 -9.89 -13.88 14.22
N LEU A 236 -9.94 -13.79 15.54
CA LEU A 236 -10.30 -12.53 16.18
C LEU A 236 -9.27 -11.44 15.87
N SER A 237 -7.99 -11.80 15.87
CA SER A 237 -6.95 -10.87 15.43
C SER A 237 -7.17 -10.46 13.98
N SER A 238 -7.56 -11.40 13.13
CA SER A 238 -7.77 -11.12 11.72
C SER A 238 -9.03 -10.29 11.46
N PHE A 239 -9.93 -10.19 12.44
CA PHE A 239 -11.20 -9.51 12.24
C PHE A 239 -11.37 -8.21 13.03
N THR A 240 -10.72 -8.07 14.19
CA THR A 240 -10.97 -6.91 15.05
C THR A 240 -10.29 -5.65 14.53
N ASP A 241 -8.98 -5.71 14.31
CA ASP A 241 -8.11 -4.54 14.12
C ASP A 241 -8.16 -3.60 15.32
N LYS A 242 -8.85 -2.46 15.17
CA LYS A 242 -9.08 -1.47 16.23
C LYS A 242 -7.82 -0.69 16.60
N GLU A 243 -6.66 -1.09 16.07
CA GLU A 243 -5.49 -0.21 16.10
C GLU A 243 -5.61 0.88 15.04
N LEU A 244 -6.24 0.53 13.92
CA LEU A 244 -6.31 1.38 12.74
C LEU A 244 -6.76 2.80 13.05
N LEU A 245 -7.78 2.97 13.90
CA LEU A 245 -8.28 4.30 14.21
C LEU A 245 -7.22 5.15 14.92
N ALA A 246 -6.61 4.60 15.97
CA ALA A 246 -5.63 5.35 16.74
C ALA A 246 -4.43 5.72 15.89
N TYR A 247 -3.86 4.74 15.17
CA TYR A 247 -2.76 5.16 14.33
C TYR A 247 -3.22 5.96 13.12
N ALA A 248 -4.52 5.94 12.78
CA ALA A 248 -4.99 6.83 11.73
C ALA A 248 -4.88 8.28 12.18
N LYS A 249 -5.26 8.56 13.42
CA LYS A 249 -5.05 9.91 13.95
C LYS A 249 -3.57 10.26 14.00
N ALA A 250 -2.75 9.35 14.53
CA ALA A 250 -1.32 9.62 14.65
C ALA A 250 -0.67 9.85 13.29
N GLY A 251 -1.04 9.03 12.30
CA GLY A 251 -0.51 9.18 10.96
C GLY A 251 -1.09 10.33 10.18
N ALA A 252 -2.28 10.79 10.55
CA ALA A 252 -2.76 12.06 10.02
C ALA A 252 -1.85 13.19 10.46
N VAL A 253 -1.47 13.19 11.74
CA VAL A 253 -0.47 14.15 12.22
C VAL A 253 0.84 13.97 11.46
N ALA A 254 1.26 12.72 11.27
CA ALA A 254 2.54 12.45 10.62
C ALA A 254 2.55 12.95 9.18
N GLU A 255 1.48 12.70 8.43
CA GLU A 255 1.44 13.13 7.03
C GLU A 255 1.24 14.63 6.91
N GLU A 256 0.53 15.25 7.86
CA GLU A 256 0.45 16.70 7.89
C GLU A 256 1.83 17.31 8.07
N VAL A 257 2.64 16.74 8.96
CA VAL A 257 3.99 17.27 9.16
C VAL A 257 4.87 16.98 7.95
N LEU A 258 4.80 15.76 7.41
CA LEU A 258 5.70 15.36 6.33
C LEU A 258 5.41 16.12 5.03
N ALA A 259 4.12 16.34 4.72
CA ALA A 259 3.79 17.08 3.52
C ALA A 259 4.25 18.53 3.60
N ALA A 260 4.26 19.10 4.81
CA ALA A 260 4.72 20.46 5.05
C ALA A 260 6.15 20.48 5.60
N ILE A 261 7.00 19.57 5.12
CA ILE A 261 8.35 19.45 5.68
C ILE A 261 9.15 20.72 5.45
N ARG A 262 8.86 21.45 4.37
CA ARG A 262 9.64 22.65 4.06
C ARG A 262 9.50 23.70 5.16
N THR A 263 8.26 24.03 5.52
CA THR A 263 8.07 25.06 6.55
C THR A 263 8.46 24.55 7.94
N VAL A 264 8.28 23.26 8.21
CA VAL A 264 8.70 22.71 9.50
C VAL A 264 10.21 22.84 9.65
N ILE A 265 10.95 22.49 8.60
CA ILE A 265 12.40 22.63 8.64
C ILE A 265 12.81 24.10 8.75
N ALA A 266 12.15 24.96 7.97
CA ALA A 266 12.53 26.36 7.95
C ALA A 266 12.19 27.09 9.25
N PHE A 267 11.26 26.56 10.04
CA PHE A 267 10.85 27.20 11.29
C PHE A 267 11.43 26.54 12.52
N GLY A 268 12.05 25.36 12.39
CA GLY A 268 12.67 24.72 13.52
C GLY A 268 11.72 24.13 14.53
N GLY A 269 10.50 23.80 14.12
CA GLY A 269 9.54 23.25 15.05
C GLY A 269 9.52 21.74 15.09
N GLN A 270 10.69 21.12 14.97
CA GLN A 270 10.75 19.66 14.97
C GLN A 270 10.33 19.10 16.33
N LYS A 271 10.75 19.74 17.42
CA LYS A 271 10.45 19.21 18.75
C LYS A 271 8.96 19.23 19.04
N LYS A 272 8.26 20.28 18.63
CA LYS A 272 6.82 20.37 18.90
C LYS A 272 6.06 19.27 18.17
N GLU A 273 6.38 19.06 16.89
CA GLU A 273 5.74 17.98 16.14
C GLU A 273 6.08 16.63 16.73
N LEU A 274 7.33 16.46 17.17
CA LEU A 274 7.74 15.21 17.79
C LEU A 274 6.94 14.95 19.06
N GLU A 275 6.70 15.99 19.86
CA GLU A 275 5.91 15.82 21.08
C GLU A 275 4.47 15.47 20.76
N ARG A 276 3.89 16.12 19.74
CA ARG A 276 2.52 15.78 19.35
C ARG A 276 2.41 14.33 18.91
N TYR A 277 3.37 13.89 18.10
CA TYR A 277 3.40 12.50 17.67
C TYR A 277 3.56 11.56 18.86
N ASN A 278 4.41 11.94 19.82
CA ASN A 278 4.62 11.10 20.99
C ASN A 278 3.33 10.95 21.80
N LYS A 279 2.59 12.05 21.97
CA LYS A 279 1.33 11.97 22.70
C LYS A 279 0.33 11.06 22.00
N ASN A 280 0.18 11.23 20.68
CA ASN A 280 -0.76 10.39 19.95
C ASN A 280 -0.34 8.92 20.00
N LEU A 281 0.96 8.65 19.89
CA LEU A 281 1.46 7.28 19.97
C LEU A 281 1.25 6.69 21.35
N GLU A 282 1.37 7.49 22.41
CA GLU A 282 1.10 6.98 23.75
C GLU A 282 -0.36 6.58 23.88
N GLU A 283 -1.27 7.40 23.34
CA GLU A 283 -2.68 7.04 23.36
C GLU A 283 -2.93 5.73 22.60
N ALA A 284 -2.29 5.59 21.43
CA ALA A 284 -2.44 4.37 20.65
C ALA A 284 -1.91 3.16 21.40
N LYS A 285 -0.77 3.31 22.07
CA LYS A 285 -0.22 2.21 22.85
C LYS A 285 -1.18 1.81 23.97
N ARG A 286 -1.77 2.79 24.65
CA ARG A 286 -2.69 2.48 25.75
C ARG A 286 -3.89 1.69 25.24
N ILE A 287 -4.50 2.16 24.14
CA ILE A 287 -5.70 1.47 23.64
C ILE A 287 -5.34 0.08 23.13
N GLY A 288 -4.17 -0.07 22.51
CA GLY A 288 -3.75 -1.39 22.05
C GLY A 288 -3.53 -2.35 23.21
N ILE A 289 -2.90 -1.88 24.29
CA ILE A 289 -2.71 -2.72 25.46
C ILE A 289 -4.04 -3.16 26.03
N LYS A 290 -5.00 -2.23 26.12
CA LYS A 290 -6.32 -2.58 26.64
C LYS A 290 -6.99 -3.63 25.75
N LYS A 291 -6.89 -3.46 24.43
CA LYS A 291 -7.50 -4.43 23.51
C LYS A 291 -6.90 -5.81 23.68
N ALA A 292 -5.57 -5.89 23.76
CA ALA A 292 -4.92 -7.20 23.95
C ALA A 292 -5.35 -7.84 25.26
N ILE A 293 -5.40 -7.05 26.34
CA ILE A 293 -5.81 -7.58 27.64
C ILE A 293 -7.23 -8.13 27.55
N THR A 294 -8.14 -7.36 26.95
CA THR A 294 -9.54 -7.80 26.87
C THR A 294 -9.67 -9.08 26.05
N ALA A 295 -9.00 -9.15 24.91
CA ALA A 295 -9.12 -10.34 24.06
C ALA A 295 -8.59 -11.58 24.77
N ASN A 296 -7.39 -11.48 25.34
CA ASN A 296 -6.80 -12.65 25.99
C ASN A 296 -7.59 -13.07 27.22
N ILE A 297 -8.07 -12.11 28.01
CA ILE A 297 -8.85 -12.47 29.19
C ILE A 297 -10.17 -13.10 28.79
N SER A 298 -10.78 -12.66 27.68
CA SER A 298 -12.02 -13.27 27.22
C SER A 298 -11.80 -14.72 26.81
N ILE A 299 -10.75 -14.98 26.05
CA ILE A 299 -10.49 -16.36 25.62
C ILE A 299 -10.16 -17.24 26.81
N GLY A 300 -9.34 -16.73 27.74
CA GLY A 300 -9.04 -17.51 28.94
C GLY A 300 -10.26 -17.77 29.79
N ALA A 301 -11.17 -16.80 29.88
CA ALA A 301 -12.41 -17.00 30.62
C ALA A 301 -13.27 -18.07 29.97
N ALA A 302 -13.30 -18.10 28.65
CA ALA A 302 -14.02 -19.18 27.97
C ALA A 302 -13.41 -20.54 28.32
N PHE A 303 -12.08 -20.62 28.31
CA PHE A 303 -11.39 -21.89 28.67
C PHE A 303 -11.80 -22.29 30.09
N LEU A 304 -11.70 -21.35 31.03
CA LEU A 304 -12.01 -21.64 32.43
C LEU A 304 -13.46 -22.07 32.60
N LEU A 305 -14.37 -21.41 31.87
CA LEU A 305 -15.79 -21.80 31.95
C LEU A 305 -16.00 -23.21 31.44
N ILE A 306 -15.35 -23.57 30.33
CA ILE A 306 -15.48 -24.94 29.81
C ILE A 306 -15.02 -25.95 30.85
N TYR A 307 -13.83 -25.74 31.41
CA TYR A 307 -13.30 -26.74 32.33
C TYR A 307 -14.05 -26.77 33.66
N ALA A 308 -14.50 -25.61 34.15
CA ALA A 308 -15.29 -25.58 35.37
C ALA A 308 -16.65 -26.24 35.16
N SER A 309 -17.24 -26.07 33.98
CA SER A 309 -18.47 -26.80 33.67
C SER A 309 -18.24 -28.30 33.66
N TYR A 310 -17.10 -28.74 33.11
CA TYR A 310 -16.76 -30.17 33.19
C TYR A 310 -16.66 -30.64 34.64
N ALA A 311 -15.98 -29.85 35.48
CA ALA A 311 -15.80 -30.24 36.88
C ALA A 311 -17.14 -30.30 37.61
N LEU A 312 -18.02 -29.33 37.37
CA LEU A 312 -19.34 -29.33 37.99
C LEU A 312 -20.16 -30.51 37.50
N ALA A 313 -20.06 -30.84 36.21
CA ALA A 313 -20.77 -32.00 35.68
C ALA A 313 -20.28 -33.28 36.34
N PHE A 314 -18.99 -33.39 36.62
CA PHE A 314 -18.49 -34.55 37.34
C PHE A 314 -19.01 -34.58 38.77
N TRP A 315 -19.28 -33.42 39.36
CA TRP A 315 -20.05 -33.38 40.59
C TRP A 315 -21.51 -33.63 40.28
N TYR A 316 -22.29 -33.97 41.31
CA TYR A 316 -23.70 -34.34 41.15
C TYR A 316 -23.81 -35.52 40.19
N GLY A 317 -23.29 -36.65 40.66
CA GLY A 317 -23.19 -37.85 39.86
C GLY A 317 -21.74 -38.28 39.70
N THR A 318 -21.35 -39.35 40.39
CA THR A 318 -19.94 -39.73 40.53
C THR A 318 -19.51 -40.55 39.32
N THR A 319 -19.19 -39.84 38.24
CA THR A 319 -18.61 -40.36 37.00
C THR A 319 -19.56 -41.27 36.22
N LEU A 320 -20.74 -41.57 36.75
CA LEU A 320 -21.70 -42.37 36.00
C LEU A 320 -22.27 -41.61 34.81
N VAL A 321 -22.22 -40.28 34.84
CA VAL A 321 -22.75 -39.48 33.75
C VAL A 321 -21.90 -39.66 32.50
N LEU A 322 -20.58 -39.77 32.66
CA LEU A 322 -19.69 -39.81 31.51
C LEU A 322 -18.90 -41.12 31.43
N SER A 323 -19.58 -42.24 31.61
CA SER A 323 -18.93 -43.55 31.47
C SER A 323 -19.90 -44.53 30.81
N GLY A 324 -19.33 -45.50 30.10
CA GLY A 324 -20.11 -46.50 29.41
C GLY A 324 -19.25 -47.66 29.00
N GLU A 325 -19.86 -48.59 28.26
CA GLU A 325 -19.16 -49.76 27.74
C GLU A 325 -18.82 -49.53 26.28
N TYR A 326 -17.56 -49.76 25.92
CA TYR A 326 -17.08 -49.53 24.57
C TYR A 326 -16.14 -50.65 24.16
N SER A 327 -16.06 -50.87 22.85
CA SER A 327 -15.23 -51.90 22.27
C SER A 327 -13.79 -51.42 22.12
N ILE A 328 -12.90 -52.34 21.74
CA ILE A 328 -11.50 -52.00 21.57
C ILE A 328 -11.26 -51.18 20.30
N GLY A 329 -12.14 -51.29 19.31
CA GLY A 329 -11.96 -50.55 18.08
C GLY A 329 -12.78 -49.28 18.01
N GLN A 330 -13.89 -49.25 18.73
CA GLN A 330 -14.76 -48.07 18.72
C GLN A 330 -14.04 -46.85 19.24
N VAL A 331 -13.20 -47.03 20.26
CA VAL A 331 -12.44 -45.91 20.82
C VAL A 331 -11.49 -45.35 19.78
N LEU A 332 -10.90 -46.20 18.94
CA LEU A 332 -10.02 -45.71 17.89
C LEU A 332 -10.77 -44.81 16.91
N THR A 333 -11.99 -45.20 16.53
CA THR A 333 -12.79 -44.37 15.65
C THR A 333 -13.12 -43.04 16.32
N VAL A 334 -13.78 -43.08 17.48
CA VAL A 334 -14.22 -41.85 18.13
C VAL A 334 -13.07 -41.02 18.68
N PHE A 335 -11.84 -41.54 18.61
CA PHE A 335 -10.66 -40.75 18.96
C PHE A 335 -10.04 -40.10 17.73
N PHE A 336 -9.68 -40.91 16.73
CA PHE A 336 -8.99 -40.37 15.56
C PHE A 336 -9.89 -39.46 14.74
N SER A 337 -11.16 -39.84 14.54
CA SER A 337 -12.06 -38.99 13.78
C SER A 337 -12.27 -37.65 14.47
N VAL A 338 -12.51 -37.68 15.78
CA VAL A 338 -12.69 -36.44 16.53
C VAL A 338 -11.43 -35.59 16.48
N LEU A 339 -10.26 -36.23 16.64
CA LEU A 339 -9.03 -35.47 16.66
C LEU A 339 -8.75 -34.82 15.31
N ILE A 340 -8.98 -35.56 14.21
CA ILE A 340 -8.78 -35.01 12.88
C ILE A 340 -9.77 -33.87 12.61
N GLY A 341 -11.04 -34.06 12.99
CA GLY A 341 -12.02 -33.02 12.77
C GLY A 341 -11.71 -31.75 13.54
N ALA A 342 -11.25 -31.89 14.78
CA ALA A 342 -10.93 -30.71 15.58
C ALA A 342 -9.67 -30.01 15.06
N PHE A 343 -8.69 -30.78 14.60
CA PHE A 343 -7.48 -30.20 14.05
C PHE A 343 -7.70 -29.55 12.69
N SER A 344 -8.71 -29.98 11.94
CA SER A 344 -8.95 -29.41 10.61
C SER A 344 -9.28 -27.92 10.67
N VAL A 345 -9.84 -27.45 11.79
CA VAL A 345 -10.24 -26.05 11.89
C VAL A 345 -9.04 -25.12 11.77
N GLY A 346 -7.82 -25.61 12.03
CA GLY A 346 -6.64 -24.79 11.87
C GLY A 346 -6.29 -24.47 10.44
N GLN A 347 -6.83 -25.21 9.48
CA GLN A 347 -6.58 -24.96 8.07
C GLN A 347 -7.55 -23.96 7.45
N ALA A 348 -8.60 -23.58 8.17
CA ALA A 348 -9.63 -22.68 7.65
C ALA A 348 -9.40 -21.22 8.01
N SER A 349 -8.34 -20.90 8.74
CA SER A 349 -8.07 -19.52 9.13
C SER A 349 -7.36 -18.75 8.01
N PRO A 350 -6.34 -19.31 7.35
CA PRO A 350 -5.76 -18.59 6.20
C PRO A 350 -6.78 -18.30 5.12
N SER A 351 -7.75 -19.18 4.92
CA SER A 351 -8.79 -18.92 3.93
C SER A 351 -9.62 -17.70 4.31
N ILE A 352 -9.99 -17.58 5.58
CA ILE A 352 -10.78 -16.42 6.02
C ILE A 352 -9.96 -15.14 5.88
N GLU A 353 -8.68 -15.19 6.26
CA GLU A 353 -7.83 -14.01 6.10
C GLU A 353 -7.72 -13.60 4.63
N ALA A 354 -7.52 -14.58 3.75
CA ALA A 354 -7.40 -14.29 2.32
C ALA A 354 -8.69 -13.70 1.76
N PHE A 355 -9.84 -14.24 2.18
CA PHE A 355 -11.11 -13.70 1.70
C PHE A 355 -11.32 -12.27 2.19
N ALA A 356 -10.95 -11.98 3.43
CA ALA A 356 -11.08 -10.61 3.93
C ALA A 356 -10.19 -9.65 3.15
N ASN A 357 -8.94 -10.04 2.88
CA ASN A 357 -8.07 -9.19 2.09
C ASN A 357 -8.61 -9.01 0.66
N ALA A 358 -9.18 -10.07 0.09
CA ALA A 358 -9.76 -9.97 -1.24
C ALA A 358 -10.92 -8.97 -1.26
N ARG A 359 -11.77 -9.00 -0.24
CA ARG A 359 -12.85 -8.01 -0.15
C ARG A 359 -12.27 -6.60 -0.03
N GLY A 360 -11.23 -6.44 0.80
CA GLY A 360 -10.64 -5.12 0.97
C GLY A 360 -10.09 -4.54 -0.32
N ALA A 361 -9.38 -5.36 -1.11
CA ALA A 361 -8.84 -4.87 -2.37
C ALA A 361 -9.95 -4.67 -3.40
N ALA A 362 -10.93 -5.57 -3.43
CA ALA A 362 -12.01 -5.47 -4.41
C ALA A 362 -12.85 -4.22 -4.18
N TYR A 363 -12.91 -3.73 -2.94
CA TYR A 363 -13.65 -2.49 -2.71
C TYR A 363 -13.10 -1.36 -3.58
N GLU A 364 -11.78 -1.13 -3.51
CA GLU A 364 -11.18 -0.07 -4.31
C GLU A 364 -11.22 -0.39 -5.80
N ILE A 365 -10.98 -1.65 -6.16
CA ILE A 365 -11.03 -2.03 -7.58
C ILE A 365 -12.39 -1.69 -8.18
N PHE A 366 -13.46 -2.08 -7.49
CA PHE A 366 -14.80 -1.86 -8.01
C PHE A 366 -15.22 -0.41 -7.90
N LYS A 367 -14.73 0.33 -6.90
CA LYS A 367 -15.02 1.75 -6.84
C LYS A 367 -14.43 2.48 -8.06
N ILE A 368 -13.20 2.14 -8.43
CA ILE A 368 -12.59 2.79 -9.60
C ILE A 368 -13.29 2.34 -10.88
N ILE A 369 -13.64 1.05 -10.98
CA ILE A 369 -14.29 0.56 -12.19
C ILE A 369 -15.66 1.19 -12.37
N ASP A 370 -16.45 1.28 -11.29
CA ASP A 370 -17.85 1.67 -11.41
C ASP A 370 -18.01 3.15 -11.73
N ASN A 371 -17.05 3.99 -11.33
CA ASN A 371 -17.22 5.43 -11.44
C ASN A 371 -17.46 5.87 -12.88
N LYS A 372 -18.45 6.76 -13.06
CA LYS A 372 -18.76 7.32 -14.36
C LYS A 372 -18.23 8.73 -14.46
N PRO A 373 -17.31 9.02 -15.37
CA PRO A 373 -16.79 10.39 -15.47
C PRO A 373 -17.82 11.34 -16.05
N SER A 374 -17.62 12.63 -15.75
CA SER A 374 -18.51 13.66 -16.28
C SER A 374 -18.41 13.72 -17.79
N ILE A 375 -17.20 13.66 -18.34
CA ILE A 375 -16.97 13.63 -19.78
C ILE A 375 -16.09 12.43 -20.07
N ASP A 376 -16.48 11.64 -21.06
CA ASP A 376 -15.75 10.43 -21.41
C ASP A 376 -15.65 10.30 -22.93
N SER A 377 -14.54 9.70 -23.37
CA SER A 377 -14.34 9.47 -24.80
C SER A 377 -15.00 8.19 -25.28
N TYR A 378 -15.26 7.24 -24.38
CA TYR A 378 -15.91 5.98 -24.74
C TYR A 378 -17.42 6.12 -24.79
N SER A 379 -17.91 7.13 -25.51
CA SER A 379 -19.34 7.36 -25.64
C SER A 379 -19.57 7.99 -27.02
N LYS A 380 -20.02 7.17 -27.97
CA LYS A 380 -20.26 7.62 -29.33
C LYS A 380 -21.68 8.16 -29.49
N SER A 381 -22.04 9.11 -28.62
CA SER A 381 -23.36 9.74 -28.63
C SER A 381 -23.14 11.25 -28.59
N GLY A 382 -23.01 11.85 -29.78
CA GLY A 382 -22.82 13.29 -29.86
C GLY A 382 -22.80 13.73 -31.30
N HIS A 383 -22.92 15.04 -31.48
CA HIS A 383 -22.93 15.62 -32.82
C HIS A 383 -21.55 15.49 -33.45
N LYS A 384 -21.54 15.24 -34.75
CA LYS A 384 -20.29 15.09 -35.52
C LYS A 384 -20.35 16.00 -36.75
N PRO A 385 -20.26 17.31 -36.55
CA PRO A 385 -20.35 18.23 -37.68
C PRO A 385 -19.17 18.09 -38.63
N ASP A 386 -19.43 18.39 -39.90
CA ASP A 386 -18.41 18.39 -40.92
C ASP A 386 -18.15 19.82 -41.40
N ASN A 387 -17.07 19.98 -42.16
CA ASN A 387 -16.63 21.29 -42.66
C ASN A 387 -16.38 22.25 -41.50
N ILE A 388 -15.46 21.85 -40.63
CA ILE A 388 -15.11 22.65 -39.44
C ILE A 388 -13.99 23.60 -39.88
N LYS A 389 -14.40 24.76 -40.41
CA LYS A 389 -13.42 25.74 -40.86
C LYS A 389 -12.60 26.32 -39.72
N GLY A 390 -13.14 26.32 -38.50
CA GLY A 390 -12.40 26.79 -37.35
C GLY A 390 -12.82 28.18 -36.91
N ASN A 391 -13.68 28.25 -35.90
CA ASN A 391 -14.18 29.52 -35.37
C ASN A 391 -14.21 29.46 -33.84
N LEU A 392 -13.12 28.98 -33.25
CA LEU A 392 -13.06 28.87 -31.79
C LEU A 392 -13.19 30.24 -31.14
N GLU A 393 -13.85 30.27 -29.99
CA GLU A 393 -14.12 31.53 -29.32
C GLU A 393 -14.21 31.30 -27.81
N PHE A 394 -14.05 32.39 -27.06
CA PHE A 394 -14.19 32.38 -25.61
C PHE A 394 -15.15 33.49 -25.23
N ARG A 395 -16.33 33.13 -24.75
CA ARG A 395 -17.40 34.10 -24.50
C ARG A 395 -17.37 34.54 -23.03
N ASN A 396 -16.28 35.23 -22.68
CA ASN A 396 -16.08 35.77 -21.34
C ASN A 396 -16.20 34.65 -20.30
N VAL A 397 -15.27 33.70 -20.38
CA VAL A 397 -15.34 32.46 -19.62
C VAL A 397 -14.46 32.56 -18.39
N HIS A 398 -15.04 32.25 -17.23
CA HIS A 398 -14.30 32.12 -15.98
C HIS A 398 -14.00 30.66 -15.73
N PHE A 399 -12.74 30.36 -15.37
CA PHE A 399 -12.34 28.99 -15.10
C PHE A 399 -11.55 28.91 -13.80
N SER A 400 -11.83 27.87 -13.02
CA SER A 400 -11.09 27.58 -11.80
C SER A 400 -10.82 26.09 -11.73
N TYR A 401 -9.67 25.74 -11.15
CA TYR A 401 -9.31 24.33 -11.02
C TYR A 401 -10.29 23.61 -10.11
N PRO A 402 -10.72 22.39 -10.47
CA PRO A 402 -11.58 21.63 -9.57
C PRO A 402 -10.93 21.32 -8.22
N SER A 403 -9.61 21.12 -8.19
CA SER A 403 -8.94 20.82 -6.93
C SER A 403 -8.93 22.04 -6.01
N ARG A 404 -8.30 23.13 -6.45
CA ARG A 404 -8.24 24.37 -5.69
C ARG A 404 -9.33 25.29 -6.22
N LYS A 405 -10.55 25.11 -5.69
CA LYS A 405 -11.69 25.92 -6.15
C LYS A 405 -11.49 27.39 -5.81
N GLU A 406 -10.92 27.68 -4.63
CA GLU A 406 -10.77 29.07 -4.20
C GLU A 406 -9.86 29.84 -5.15
N VAL A 407 -8.76 29.24 -5.58
CA VAL A 407 -7.83 29.92 -6.47
C VAL A 407 -8.44 29.98 -7.86
N LYS A 408 -8.47 31.18 -8.43
CA LYS A 408 -9.03 31.41 -9.77
C LYS A 408 -7.91 31.75 -10.74
N ILE A 409 -7.85 31.02 -11.85
CA ILE A 409 -6.81 31.18 -12.85
C ILE A 409 -7.29 32.04 -14.01
N LEU A 410 -8.49 31.77 -14.52
CA LEU A 410 -9.05 32.49 -15.67
C LEU A 410 -10.16 33.40 -15.16
N LYS A 411 -9.90 34.71 -15.15
CA LYS A 411 -10.84 35.70 -14.63
C LYS A 411 -11.58 36.34 -15.80
N GLY A 412 -12.53 35.57 -16.36
CA GLY A 412 -13.37 36.07 -17.42
C GLY A 412 -12.63 36.47 -18.67
N LEU A 413 -12.05 35.51 -19.37
CA LEU A 413 -11.28 35.78 -20.58
C LEU A 413 -12.18 35.72 -21.80
N ASN A 414 -12.01 36.69 -22.70
CA ASN A 414 -12.78 36.75 -23.95
C ASN A 414 -11.81 36.64 -25.12
N LEU A 415 -12.14 35.76 -26.07
CA LEU A 415 -11.29 35.55 -27.23
C LEU A 415 -12.17 35.21 -28.43
N LYS A 416 -11.75 35.69 -29.60
CA LYS A 416 -12.52 35.47 -30.83
C LYS A 416 -11.56 35.42 -32.00
N VAL A 417 -11.47 34.27 -32.65
CA VAL A 417 -10.56 34.05 -33.77
C VAL A 417 -11.36 33.54 -34.96
N GLN A 418 -11.16 34.15 -36.12
CA GLN A 418 -11.82 33.73 -37.34
C GLN A 418 -10.98 32.68 -38.06
N SER A 419 -11.52 32.13 -39.14
CA SER A 419 -10.83 31.08 -39.89
C SER A 419 -9.59 31.65 -40.57
N GLY A 420 -8.56 30.81 -40.66
CA GLY A 420 -7.33 31.20 -41.34
C GLY A 420 -6.61 32.35 -40.68
N GLN A 421 -6.64 32.42 -39.36
CA GLN A 421 -6.01 33.48 -38.59
C GLN A 421 -4.96 32.89 -37.66
N THR A 422 -4.39 33.74 -36.81
CA THR A 422 -3.39 33.29 -35.85
C THR A 422 -3.30 34.29 -34.71
N VAL A 423 -2.98 33.79 -33.53
CA VAL A 423 -2.85 34.60 -32.33
C VAL A 423 -1.48 34.31 -31.71
N ALA A 424 -0.99 35.27 -30.94
CA ALA A 424 0.32 35.19 -30.29
C ALA A 424 0.23 35.62 -28.84
N LEU A 425 -0.73 35.05 -28.11
CA LEU A 425 -0.86 35.34 -26.69
C LEU A 425 0.44 35.00 -25.95
N VAL A 426 0.88 35.92 -25.11
CA VAL A 426 2.17 35.80 -24.42
C VAL A 426 1.89 35.61 -22.93
N GLY A 427 2.45 34.53 -22.37
CA GLY A 427 2.26 34.20 -20.98
C GLY A 427 3.55 34.33 -20.18
N ASN A 428 3.42 34.01 -18.89
CA ASN A 428 4.53 34.05 -17.94
C ASN A 428 4.86 32.64 -17.48
N SER A 429 6.15 32.35 -17.34
CA SER A 429 6.59 31.00 -17.01
C SER A 429 6.12 30.54 -15.65
N GLY A 430 5.80 31.46 -14.74
CA GLY A 430 5.36 31.07 -13.42
C GLY A 430 4.04 30.32 -13.44
N CYS A 431 3.07 30.85 -14.16
CA CYS A 431 1.74 30.25 -14.24
C CYS A 431 0.95 30.99 -15.33
N GLY A 432 -0.27 30.53 -15.57
CA GLY A 432 -1.13 31.17 -16.55
C GLY A 432 -0.60 31.11 -17.97
N LYS A 433 -0.10 29.96 -18.39
CA LYS A 433 0.45 29.78 -19.72
C LYS A 433 -0.29 28.73 -20.54
N SER A 434 -0.58 27.57 -19.95
CA SER A 434 -1.18 26.46 -20.67
C SER A 434 -2.60 26.16 -20.22
N THR A 435 -3.24 27.06 -19.48
CA THR A 435 -4.59 26.80 -19.00
C THR A 435 -5.61 26.83 -20.14
N THR A 436 -5.51 27.82 -21.01
CA THR A 436 -6.43 27.90 -22.14
C THR A 436 -6.20 26.75 -23.12
N VAL A 437 -4.95 26.28 -23.24
CA VAL A 437 -4.66 25.13 -24.10
C VAL A 437 -5.39 23.89 -23.58
N GLN A 438 -5.34 23.67 -22.27
CA GLN A 438 -6.06 22.54 -21.69
C GLN A 438 -7.57 22.72 -21.82
N LEU A 439 -8.06 23.95 -21.63
CA LEU A 439 -9.50 24.17 -21.67
C LEU A 439 -10.07 24.01 -23.07
N MET A 440 -9.29 24.34 -24.10
CA MET A 440 -9.79 24.24 -25.46
C MET A 440 -10.10 22.80 -25.86
N GLN A 441 -9.27 21.86 -25.39
CA GLN A 441 -9.38 20.46 -25.77
C GLN A 441 -10.36 19.68 -24.88
N ARG A 442 -11.27 20.37 -24.20
CA ARG A 442 -12.28 19.72 -23.37
C ARG A 442 -11.65 18.88 -22.26
N LEU A 443 -10.47 19.28 -21.79
CA LEU A 443 -9.90 18.62 -20.63
C LEU A 443 -10.59 19.06 -19.34
N TYR A 444 -10.94 20.34 -19.24
CA TYR A 444 -11.68 20.87 -18.10
C TYR A 444 -12.84 21.70 -18.63
N ASP A 445 -14.04 21.39 -18.16
CA ASP A 445 -15.22 22.13 -18.59
C ASP A 445 -15.22 23.53 -17.97
N PRO A 446 -15.62 24.56 -18.72
CA PRO A 446 -15.64 25.91 -18.16
C PRO A 446 -16.68 26.06 -17.07
N THR A 447 -16.37 26.95 -16.12
CA THR A 447 -17.30 27.21 -15.01
C THR A 447 -18.44 28.14 -15.46
N GLU A 448 -18.09 29.32 -15.96
CA GLU A 448 -19.06 30.31 -16.40
C GLU A 448 -18.81 30.64 -17.87
N GLY A 449 -19.89 30.76 -18.63
CA GLY A 449 -19.78 30.98 -20.06
C GLY A 449 -19.70 29.67 -20.82
N MET A 450 -19.25 29.77 -22.07
CA MET A 450 -19.10 28.59 -22.90
C MET A 450 -18.07 28.87 -24.00
N VAL A 451 -17.59 27.78 -24.60
CA VAL A 451 -16.66 27.83 -25.71
C VAL A 451 -17.31 27.12 -26.89
N SER A 452 -17.30 27.77 -28.05
CA SER A 452 -17.97 27.27 -29.23
C SER A 452 -17.01 27.18 -30.40
N VAL A 453 -17.30 26.25 -31.32
CA VAL A 453 -16.55 26.09 -32.55
C VAL A 453 -17.52 26.20 -33.71
N ASP A 454 -17.24 27.12 -34.64
CA ASP A 454 -18.08 27.34 -35.82
C ASP A 454 -19.52 27.63 -35.43
N GLY A 455 -19.70 28.41 -34.36
CA GLY A 455 -21.03 28.72 -33.86
C GLY A 455 -21.71 27.60 -33.11
N GLN A 456 -21.00 26.50 -32.84
CA GLN A 456 -21.55 25.35 -32.15
C GLN A 456 -20.74 25.08 -30.89
N ASP A 457 -21.42 24.95 -29.76
CA ASP A 457 -20.74 24.71 -28.50
C ASP A 457 -20.13 23.31 -28.49
N ILE A 458 -18.98 23.18 -27.78
CA ILE A 458 -18.29 21.91 -27.72
C ILE A 458 -18.92 20.92 -26.75
N ARG A 459 -19.90 21.36 -25.96
CA ARG A 459 -20.54 20.44 -25.03
C ARG A 459 -21.50 19.48 -25.73
N THR A 460 -21.90 19.77 -26.96
CA THR A 460 -22.79 18.92 -27.72
C THR A 460 -22.05 18.09 -28.77
N ILE A 461 -20.73 18.12 -28.78
CA ILE A 461 -19.91 17.39 -29.74
C ILE A 461 -19.24 16.24 -29.00
N ASN A 462 -19.22 15.06 -29.62
CA ASN A 462 -18.50 13.95 -29.04
C ASN A 462 -17.02 14.31 -28.92
N VAL A 463 -16.46 14.10 -27.73
CA VAL A 463 -15.12 14.58 -27.44
C VAL A 463 -14.08 13.84 -28.25
N ARG A 464 -14.35 12.56 -28.59
CA ARG A 464 -13.39 11.78 -29.35
C ARG A 464 -13.16 12.39 -30.72
N PHE A 465 -14.22 12.84 -31.38
CA PHE A 465 -14.05 13.52 -32.67
C PHE A 465 -13.47 14.92 -32.49
N LEU A 466 -13.77 15.58 -31.37
CA LEU A 466 -13.25 16.93 -31.14
C LEU A 466 -11.74 16.92 -31.01
N ARG A 467 -11.18 15.96 -30.27
CA ARG A 467 -9.75 15.98 -30.00
C ARG A 467 -8.90 15.57 -31.19
N GLU A 468 -9.51 15.09 -32.28
CA GLU A 468 -8.76 14.57 -33.42
C GLU A 468 -8.52 15.59 -34.51
N ILE A 469 -8.78 16.88 -34.25
CA ILE A 469 -8.56 17.92 -35.25
C ILE A 469 -7.75 19.07 -34.65
N ILE A 470 -7.07 18.80 -33.52
CA ILE A 470 -6.39 19.84 -32.75
C ILE A 470 -4.94 19.45 -32.57
N GLY A 471 -4.02 20.36 -32.92
CA GLY A 471 -2.63 20.16 -32.60
C GLY A 471 -2.34 20.48 -31.13
N VAL A 472 -1.37 19.77 -30.57
CA VAL A 472 -1.17 19.79 -29.12
C VAL A 472 0.29 19.97 -28.77
N VAL A 473 1.12 20.42 -29.72
CA VAL A 473 2.56 20.54 -29.52
C VAL A 473 2.84 21.31 -28.24
N SER A 474 3.53 20.68 -27.30
CA SER A 474 3.64 21.17 -25.93
C SER A 474 5.11 21.41 -25.57
N GLN A 475 5.33 21.72 -24.29
CA GLN A 475 6.67 22.07 -23.82
C GLN A 475 7.64 20.90 -23.97
N GLU A 476 7.36 19.79 -23.27
CA GLU A 476 8.26 18.65 -23.27
C GLU A 476 7.74 17.60 -24.24
N PRO A 477 8.42 17.37 -25.36
CA PRO A 477 7.92 16.37 -26.32
C PRO A 477 8.18 14.95 -25.84
N VAL A 478 7.28 14.45 -24.99
CA VAL A 478 7.42 13.10 -24.46
C VAL A 478 7.29 12.09 -25.59
N LEU A 479 8.23 11.15 -25.65
CA LEU A 479 8.23 10.08 -26.63
C LEU A 479 8.18 8.73 -25.92
N PHE A 480 7.75 7.72 -26.65
CA PHE A 480 7.59 6.36 -26.13
C PHE A 480 8.74 5.49 -26.59
N ALA A 481 9.01 4.44 -25.80
CA ALA A 481 10.13 3.55 -26.04
C ALA A 481 9.78 2.57 -27.16
N THR A 482 9.81 3.08 -28.39
CA THR A 482 9.49 2.30 -29.58
C THR A 482 10.28 2.87 -30.75
N THR A 483 10.08 2.25 -31.92
CA THR A 483 10.73 2.72 -33.13
C THR A 483 10.23 4.12 -33.50
N ILE A 484 11.10 4.88 -34.16
CA ILE A 484 10.73 6.23 -34.58
C ILE A 484 9.56 6.20 -35.55
N ALA A 485 9.50 5.18 -36.42
CA ALA A 485 8.36 5.06 -37.32
C ALA A 485 7.07 4.89 -36.54
N GLU A 486 7.09 4.09 -35.48
CA GLU A 486 5.91 3.94 -34.63
C GLU A 486 5.56 5.25 -33.93
N ASN A 487 6.57 5.98 -33.45
CA ASN A 487 6.29 7.25 -32.78
C ASN A 487 5.63 8.24 -33.73
N ILE A 488 6.12 8.32 -34.98
CA ILE A 488 5.51 9.22 -35.95
C ILE A 488 4.12 8.72 -36.34
N ARG A 489 3.91 7.41 -36.34
CA ARG A 489 2.65 6.84 -36.78
C ARG A 489 1.64 6.65 -35.66
N TYR A 490 1.95 7.07 -34.43
CA TYR A 490 1.02 6.93 -33.32
C TYR A 490 -0.31 7.62 -33.62
N GLY A 491 -0.25 8.90 -33.97
CA GLY A 491 -1.43 9.57 -34.49
C GLY A 491 -1.76 9.07 -35.87
N ARG A 492 -3.05 9.03 -36.21
CA ARG A 492 -3.48 8.64 -37.55
C ARG A 492 -3.01 7.22 -37.87
N GLU A 493 -3.58 6.22 -37.17
CA GLU A 493 -3.02 4.87 -37.19
C GLU A 493 -3.01 4.27 -38.60
N ASN A 494 -3.96 4.65 -39.46
CA ASN A 494 -3.98 4.18 -40.84
C ASN A 494 -3.11 5.11 -41.69
N VAL A 495 -1.80 4.98 -41.50
CA VAL A 495 -0.82 5.81 -42.20
C VAL A 495 0.19 4.91 -42.89
N THR A 496 0.47 5.22 -44.16
CA THR A 496 1.48 4.50 -44.91
C THR A 496 2.82 5.20 -44.76
N MET A 497 3.88 4.58 -45.29
CA MET A 497 5.21 5.16 -45.19
C MET A 497 5.31 6.46 -45.97
N ASP A 498 4.50 6.62 -47.02
CA ASP A 498 4.58 7.83 -47.84
C ASP A 498 4.19 9.08 -47.04
N GLU A 499 3.14 8.99 -46.24
CA GLU A 499 2.72 10.13 -45.43
C GLU A 499 3.78 10.48 -44.38
N ILE A 500 4.37 9.47 -43.76
CA ILE A 500 5.43 9.72 -42.79
C ILE A 500 6.61 10.39 -43.46
N GLU A 501 6.98 9.93 -44.66
CA GLU A 501 8.06 10.56 -45.41
C GLU A 501 7.73 12.01 -45.72
N LYS A 502 6.50 12.27 -46.16
CA LYS A 502 6.12 13.65 -46.48
C LYS A 502 6.18 14.55 -45.25
N ALA A 503 5.70 14.04 -44.11
CA ALA A 503 5.73 14.83 -42.88
C ALA A 503 7.17 15.10 -42.44
N VAL A 504 8.04 14.09 -42.50
CA VAL A 504 9.42 14.32 -42.07
C VAL A 504 10.14 15.23 -43.05
N LYS A 505 9.74 15.22 -44.33
CA LYS A 505 10.28 16.21 -45.27
C LYS A 505 9.81 17.61 -44.90
N GLU A 506 8.52 17.77 -44.59
CA GLU A 506 8.02 19.03 -44.06
C GLU A 506 8.05 19.04 -42.53
N ALA A 507 9.17 18.62 -41.96
CA ALA A 507 9.44 18.78 -40.54
C ALA A 507 10.89 19.16 -40.25
N ASN A 508 11.74 19.25 -41.28
CA ASN A 508 13.15 19.62 -41.12
C ASN A 508 13.86 18.67 -40.16
N ALA A 509 13.54 17.38 -40.23
CA ALA A 509 14.15 16.38 -39.36
C ALA A 509 14.72 15.17 -40.08
N TYR A 510 14.34 14.92 -41.35
CA TYR A 510 14.81 13.72 -42.02
C TYR A 510 16.31 13.79 -42.33
N ASP A 511 16.85 15.00 -42.51
CA ASP A 511 18.29 15.14 -42.72
C ASP A 511 19.05 14.63 -41.51
N PHE A 512 18.63 15.04 -40.31
CA PHE A 512 19.29 14.58 -39.09
C PHE A 512 19.11 13.08 -38.90
N ILE A 513 17.93 12.55 -39.23
CA ILE A 513 17.69 11.11 -39.11
C ILE A 513 18.62 10.33 -40.04
N MET A 514 18.75 10.80 -41.28
CA MET A 514 19.58 10.08 -42.26
C MET A 514 21.07 10.22 -41.93
N LYS A 515 21.49 11.35 -41.39
CA LYS A 515 22.89 11.48 -40.99
C LYS A 515 23.25 10.47 -39.93
N LEU A 516 22.35 10.26 -38.97
CA LEU A 516 22.53 9.18 -38.00
C LEU A 516 22.24 7.83 -38.67
N PRO A 517 22.85 6.75 -38.18
CA PRO A 517 22.51 5.42 -38.71
C PRO A 517 21.11 4.99 -38.31
N HIS A 518 20.71 3.77 -38.70
CA HIS A 518 19.43 3.20 -38.29
C HIS A 518 18.25 4.06 -38.76
N LYS A 519 18.03 4.02 -40.08
CA LYS A 519 16.99 4.85 -40.67
C LYS A 519 15.61 4.39 -40.19
N PHE A 520 15.08 5.10 -39.20
CA PHE A 520 13.80 4.79 -38.57
C PHE A 520 13.72 3.32 -38.16
N ASP A 521 14.79 2.81 -37.57
CA ASP A 521 14.80 1.40 -37.22
C ASP A 521 14.37 1.17 -35.78
N THR A 522 15.19 1.60 -34.81
CA THR A 522 14.78 1.61 -33.41
C THR A 522 14.87 2.99 -32.79
N LEU A 523 16.07 3.57 -32.76
CA LEU A 523 16.34 4.91 -32.23
C LEU A 523 15.45 5.25 -31.02
N VAL A 524 15.45 4.35 -30.03
CA VAL A 524 14.58 4.52 -28.87
C VAL A 524 15.00 5.76 -28.10
N GLY A 525 14.01 6.55 -27.68
CA GLY A 525 14.27 7.81 -27.02
C GLY A 525 13.99 7.82 -25.53
N GLU A 526 13.86 6.66 -24.91
CA GLU A 526 13.61 6.54 -23.48
C GLU A 526 14.79 5.98 -22.71
N ARG A 527 15.28 4.80 -23.10
CA ARG A 527 16.43 4.18 -22.45
C ARG A 527 17.71 4.31 -23.26
N GLY A 528 17.62 4.56 -24.55
CA GLY A 528 18.76 4.67 -25.42
C GLY A 528 19.36 6.06 -25.42
N ALA A 529 19.94 6.45 -26.55
CA ALA A 529 20.55 7.76 -26.69
C ALA A 529 19.47 8.83 -26.62
N GLN A 530 19.47 9.61 -25.54
CA GLN A 530 18.49 10.67 -25.36
C GLN A 530 18.82 11.81 -26.33
N LEU A 531 17.92 12.04 -27.27
CA LEU A 531 18.14 13.10 -28.25
C LEU A 531 17.99 14.47 -27.60
N SER A 532 18.47 15.49 -28.30
CA SER A 532 18.40 16.86 -27.82
C SER A 532 16.98 17.40 -27.97
N GLY A 533 16.74 18.53 -27.30
CA GLY A 533 15.41 19.14 -27.33
C GLY A 533 14.94 19.47 -28.73
N GLY A 534 15.85 19.98 -29.57
CA GLY A 534 15.46 20.38 -30.92
C GLY A 534 14.93 19.23 -31.75
N GLN A 535 15.65 18.11 -31.77
CA GLN A 535 15.20 16.99 -32.60
C GLN A 535 13.95 16.34 -32.03
N LYS A 536 13.81 16.29 -30.70
CA LYS A 536 12.58 15.79 -30.12
C LYS A 536 11.39 16.68 -30.49
N GLN A 537 11.59 18.00 -30.48
CA GLN A 537 10.53 18.91 -30.90
C GLN A 537 10.20 18.71 -32.38
N ARG A 538 11.21 18.46 -33.21
CA ARG A 538 10.94 18.20 -34.62
C ARG A 538 10.15 16.90 -34.80
N ILE A 539 10.46 15.88 -33.99
CA ILE A 539 9.70 14.63 -34.03
C ILE A 539 8.25 14.88 -33.63
N ALA A 540 8.03 15.65 -32.57
CA ALA A 540 6.67 15.98 -32.14
C ALA A 540 5.94 16.76 -33.23
N ILE A 541 6.63 17.68 -33.89
CA ILE A 541 6.03 18.43 -34.99
C ILE A 541 5.63 17.49 -36.12
N ALA A 542 6.49 16.54 -36.44
CA ALA A 542 6.16 15.56 -37.46
C ALA A 542 4.93 14.75 -37.08
N ARG A 543 4.84 14.34 -35.81
CA ARG A 543 3.66 13.61 -35.35
C ARG A 543 2.40 14.46 -35.49
N ALA A 544 2.48 15.74 -35.11
CA ALA A 544 1.33 16.63 -35.24
C ALA A 544 0.93 16.80 -36.70
N LEU A 545 1.90 16.92 -37.59
CA LEU A 545 1.61 17.02 -39.02
C LEU A 545 0.94 15.75 -39.54
N VAL A 546 1.40 14.59 -39.07
CA VAL A 546 0.76 13.33 -39.44
C VAL A 546 -0.69 13.33 -38.95
N ARG A 547 -0.94 13.88 -37.77
CA ARG A 547 -2.30 13.97 -37.26
C ARG A 547 -3.19 14.78 -38.19
N ASN A 548 -2.63 15.76 -38.91
CA ASN A 548 -3.35 16.64 -39.82
C ASN A 548 -4.46 17.39 -39.09
N PRO A 549 -4.13 18.31 -38.20
CA PRO A 549 -5.16 19.05 -37.47
C PRO A 549 -5.59 20.30 -38.23
N LYS A 550 -6.65 20.93 -37.71
CA LYS A 550 -7.14 22.19 -38.23
C LYS A 550 -6.97 23.36 -37.28
N ILE A 551 -6.73 23.09 -35.99
CA ILE A 551 -6.51 24.13 -34.99
C ILE A 551 -5.21 23.80 -34.28
N LEU A 552 -4.12 24.42 -34.71
CA LEU A 552 -2.79 24.14 -34.16
C LEU A 552 -2.57 25.01 -32.92
N LEU A 553 -2.09 24.39 -31.84
CA LEU A 553 -1.96 25.03 -30.54
C LEU A 553 -0.53 24.89 -30.02
N LEU A 554 0.45 25.24 -30.84
CA LEU A 554 1.85 25.19 -30.42
C LEU A 554 2.04 25.94 -29.11
N ASP A 555 2.40 25.20 -28.07
CA ASP A 555 2.52 25.73 -26.72
C ASP A 555 3.93 25.50 -26.19
N GLU A 556 4.58 26.59 -25.74
CA GLU A 556 5.90 26.52 -25.13
C GLU A 556 6.91 25.82 -26.04
N ALA A 557 6.84 26.14 -27.34
CA ALA A 557 7.80 25.58 -28.28
C ALA A 557 9.18 26.20 -28.13
N THR A 558 9.28 27.31 -27.42
CA THR A 558 10.56 27.98 -27.14
C THR A 558 10.74 28.16 -25.63
N SER A 559 10.44 27.12 -24.86
CA SER A 559 10.45 27.23 -23.42
C SER A 559 11.86 27.07 -22.85
N ALA A 560 12.47 25.90 -23.06
CA ALA A 560 13.74 25.58 -22.41
C ALA A 560 14.87 25.21 -23.36
N LEU A 561 14.59 24.94 -24.63
CA LEU A 561 15.66 24.55 -25.54
C LEU A 561 16.57 25.73 -25.84
N ASP A 562 17.82 25.41 -26.19
CA ASP A 562 18.86 26.42 -26.32
C ASP A 562 18.61 27.31 -27.54
N THR A 563 19.29 28.46 -27.55
CA THR A 563 19.20 29.40 -28.65
C THR A 563 20.00 28.99 -29.87
N GLU A 564 20.90 28.01 -29.74
CA GLU A 564 21.70 27.58 -30.88
C GLU A 564 20.84 26.93 -31.96
N SER A 565 19.85 26.14 -31.57
CA SER A 565 19.01 25.40 -32.49
C SER A 565 17.67 26.09 -32.76
N GLU A 566 17.54 27.37 -32.39
CA GLU A 566 16.27 28.07 -32.58
C GLU A 566 15.92 28.24 -34.04
N ALA A 567 16.92 28.40 -34.91
CA ALA A 567 16.64 28.71 -36.31
C ALA A 567 15.86 27.58 -36.99
N VAL A 568 16.35 26.34 -36.88
CA VAL A 568 15.72 25.22 -37.56
C VAL A 568 14.31 24.98 -37.01
N VAL A 569 14.16 25.00 -35.69
CA VAL A 569 12.86 24.76 -35.08
C VAL A 569 11.87 25.85 -35.49
N GLN A 570 12.31 27.11 -35.46
CA GLN A 570 11.41 28.21 -35.81
C GLN A 570 11.02 28.16 -37.28
N VAL A 571 11.95 27.79 -38.16
CA VAL A 571 11.62 27.66 -39.58
C VAL A 571 10.60 26.53 -39.77
N ALA A 572 10.79 25.41 -39.07
CA ALA A 572 9.82 24.32 -39.17
C ALA A 572 8.45 24.75 -38.67
N LEU A 573 8.41 25.50 -37.56
CA LEU A 573 7.13 25.97 -37.03
C LEU A 573 6.44 26.91 -38.02
N ASP A 574 7.21 27.82 -38.62
CA ASP A 574 6.62 28.75 -39.58
C ASP A 574 6.10 28.02 -40.81
N LYS A 575 6.84 27.02 -41.29
CA LYS A 575 6.37 26.25 -42.45
C LYS A 575 5.11 25.46 -42.11
N ALA A 576 5.05 24.87 -40.92
CA ALA A 576 3.90 24.06 -40.54
C ALA A 576 2.70 24.88 -40.07
N ARG A 577 2.90 26.15 -39.75
CA ARG A 577 1.82 26.97 -39.22
C ARG A 577 0.84 27.42 -40.30
N LYS A 578 1.29 27.46 -41.55
CA LYS A 578 0.46 28.00 -42.63
C LYS A 578 -0.79 27.16 -42.84
N GLY A 579 -1.91 27.84 -43.08
CA GLY A 579 -3.15 27.20 -43.48
C GLY A 579 -4.08 26.79 -42.36
N ARG A 580 -3.75 27.07 -41.10
CA ARG A 580 -4.59 26.67 -39.98
C ARG A 580 -4.57 27.75 -38.91
N THR A 581 -5.61 27.73 -38.07
CA THR A 581 -5.69 28.62 -36.93
C THR A 581 -4.57 28.30 -35.93
N THR A 582 -4.01 29.34 -35.32
CA THR A 582 -2.88 29.15 -34.42
C THR A 582 -3.05 30.04 -33.19
N ILE A 583 -2.84 29.44 -32.02
CA ILE A 583 -3.01 30.13 -30.73
C ILE A 583 -1.69 30.06 -29.96
N VAL A 584 -0.57 30.16 -30.68
CA VAL A 584 0.77 30.04 -30.12
C VAL A 584 0.92 30.80 -28.81
N ILE A 585 1.47 30.12 -27.80
CA ILE A 585 1.79 30.73 -26.52
C ILE A 585 3.31 30.75 -26.39
N ALA A 586 3.87 31.94 -26.18
CA ALA A 586 5.31 32.10 -26.07
C ALA A 586 5.63 33.11 -24.99
N HIS A 587 6.86 33.02 -24.47
CA HIS A 587 7.34 33.91 -23.42
C HIS A 587 8.28 34.99 -23.95
N ARG A 588 9.13 34.65 -24.91
CA ARG A 588 10.04 35.62 -25.51
C ARG A 588 9.35 36.28 -26.71
N LEU A 589 9.28 37.60 -26.69
CA LEU A 589 8.59 38.36 -27.73
C LEU A 589 9.59 38.88 -28.75
N SER A 590 10.19 37.95 -29.48
CA SER A 590 11.07 38.31 -30.59
C SER A 590 10.88 37.45 -31.83
N THR A 591 10.00 36.45 -31.80
CA THR A 591 9.77 35.61 -32.97
C THR A 591 8.29 35.34 -33.24
N VAL A 592 7.38 35.81 -32.39
CA VAL A 592 5.95 35.64 -32.62
C VAL A 592 5.34 36.85 -33.31
N ARG A 593 6.17 37.75 -33.85
CA ARG A 593 5.67 38.94 -34.53
C ARG A 593 4.95 38.62 -35.82
N ASN A 594 5.17 37.43 -36.39
CA ASN A 594 4.53 37.06 -37.64
C ASN A 594 3.04 36.78 -37.48
N ALA A 595 2.54 36.66 -36.26
CA ALA A 595 1.14 36.39 -36.04
C ALA A 595 0.29 37.64 -36.24
N ASP A 596 -0.97 37.44 -36.65
CA ASP A 596 -1.86 38.56 -36.91
C ASP A 596 -2.18 39.34 -35.63
N VAL A 597 -2.43 38.63 -34.53
CA VAL A 597 -2.83 39.24 -33.27
C VAL A 597 -1.80 38.89 -32.21
N ILE A 598 -1.32 39.91 -31.50
CA ILE A 598 -0.37 39.75 -30.41
C ILE A 598 -0.96 40.38 -29.16
N ALA A 599 -0.99 39.62 -28.06
CA ALA A 599 -1.52 40.12 -26.80
C ALA A 599 -0.79 39.45 -25.65
N GLY A 600 -0.87 40.07 -24.48
CA GLY A 600 -0.22 39.56 -23.29
C GLY A 600 -1.21 38.85 -22.38
N PHE A 601 -0.80 37.68 -21.87
CA PHE A 601 -1.62 36.86 -20.99
C PHE A 601 -0.92 36.73 -19.66
N ASP A 602 -1.61 37.11 -18.59
CA ASP A 602 -1.05 37.01 -17.24
C ASP A 602 -2.19 37.05 -16.24
N ASP A 603 -2.41 35.94 -15.53
CA ASP A 603 -3.45 35.84 -14.50
C ASP A 603 -4.82 36.23 -15.04
N GLY A 604 -5.13 35.74 -16.23
CA GLY A 604 -6.43 36.02 -16.83
C GLY A 604 -6.60 37.43 -17.35
N VAL A 605 -5.50 38.14 -17.62
CA VAL A 605 -5.54 39.51 -18.12
C VAL A 605 -5.04 39.49 -19.55
N ILE A 606 -5.90 39.89 -20.48
CA ILE A 606 -5.52 39.99 -21.89
C ILE A 606 -6.14 41.25 -22.50
N PRO A 694 19.34 -3.19 0.71
CA PRO A 694 20.46 -3.57 1.57
C PRO A 694 20.49 -5.06 1.88
N VAL A 695 21.06 -5.42 3.03
CA VAL A 695 21.18 -6.81 3.46
C VAL A 695 20.55 -6.95 4.83
N SER A 696 19.86 -8.07 5.06
CA SER A 696 19.21 -8.30 6.34
C SER A 696 20.25 -8.41 7.44
N PHE A 697 19.90 -7.91 8.63
CA PHE A 697 20.82 -7.86 9.76
C PHE A 697 20.18 -8.53 10.98
N TRP A 698 21.03 -9.12 11.81
CA TRP A 698 20.67 -9.48 13.17
C TRP A 698 21.02 -8.29 14.07
N ARG A 699 21.03 -8.50 15.39
CA ARG A 699 21.15 -7.51 16.46
C ARG A 699 19.84 -6.78 16.70
N ILE A 700 18.76 -7.19 16.04
CA ILE A 700 17.44 -6.61 16.30
C ILE A 700 17.04 -6.82 17.76
N MET A 701 17.56 -7.87 18.40
CA MET A 701 17.28 -8.09 19.82
C MET A 701 17.81 -6.95 20.68
N LYS A 702 18.80 -6.20 20.20
CA LYS A 702 19.23 -4.99 20.89
C LYS A 702 18.04 -4.04 21.05
N LEU A 703 17.25 -3.87 20.01
CA LEU A 703 15.95 -3.23 20.15
C LEU A 703 15.03 -4.13 20.96
N ASN A 704 14.18 -3.53 21.78
CA ASN A 704 13.31 -4.27 22.70
C ASN A 704 14.14 -5.10 23.68
N LEU A 705 15.13 -4.45 24.30
CA LEU A 705 15.97 -5.09 25.30
C LEU A 705 15.64 -4.66 26.71
N THR A 706 15.24 -3.41 26.91
CA THR A 706 14.91 -2.94 28.26
C THR A 706 13.73 -3.68 28.85
N GLU A 707 12.85 -4.21 28.01
CA GLU A 707 11.68 -4.96 28.47
C GLU A 707 11.99 -6.45 28.61
N TRP A 708 13.05 -6.77 29.34
CA TRP A 708 13.46 -8.16 29.52
C TRP A 708 12.57 -8.95 30.48
N PRO A 709 12.00 -8.37 31.56
CA PRO A 709 11.12 -9.18 32.41
C PRO A 709 9.92 -9.74 31.66
N TYR A 710 9.35 -8.96 30.73
CA TYR A 710 8.25 -9.46 29.93
C TYR A 710 8.68 -10.68 29.12
N PHE A 711 9.88 -10.61 28.52
CA PHE A 711 10.38 -11.75 27.74
C PHE A 711 10.62 -12.96 28.62
N VAL A 712 11.16 -12.76 29.82
CA VAL A 712 11.43 -13.88 30.72
C VAL A 712 10.12 -14.58 31.10
N VAL A 713 9.13 -13.79 31.54
CA VAL A 713 7.86 -14.38 31.93
C VAL A 713 7.19 -15.06 30.73
N GLY A 714 7.23 -14.42 29.57
CA GLY A 714 6.62 -15.01 28.39
C GLY A 714 7.28 -16.31 27.97
N VAL A 715 8.62 -16.38 28.08
CA VAL A 715 9.33 -17.59 27.71
C VAL A 715 9.02 -18.72 28.69
N PHE A 716 8.97 -18.42 29.98
CA PHE A 716 8.60 -19.45 30.95
C PHE A 716 7.18 -19.95 30.71
N CYS A 717 6.25 -19.03 30.46
CA CYS A 717 4.88 -19.43 30.18
C CYS A 717 4.78 -20.23 28.89
N ALA A 718 5.56 -19.86 27.88
CA ALA A 718 5.56 -20.63 26.64
C ALA A 718 6.09 -22.03 26.85
N ILE A 719 7.16 -22.16 27.66
CA ILE A 719 7.70 -23.49 27.97
C ILE A 719 6.63 -24.35 28.62
N ILE A 720 5.98 -23.83 29.66
CA ILE A 720 5.02 -24.66 30.39
C ILE A 720 3.80 -24.95 29.53
N ASN A 721 3.34 -23.97 28.74
CA ASN A 721 2.18 -24.20 27.88
C ASN A 721 2.48 -25.24 26.81
N GLY A 722 3.66 -25.15 26.19
CA GLY A 722 4.03 -26.15 25.18
C GLY A 722 4.20 -27.53 25.77
N GLY A 723 4.77 -27.63 26.98
CA GLY A 723 4.93 -28.92 27.61
C GLY A 723 3.64 -29.51 28.14
N LEU A 724 2.63 -28.67 28.40
CA LEU A 724 1.37 -29.18 28.94
C LEU A 724 0.67 -30.11 27.95
N GLN A 725 0.69 -29.76 26.67
CA GLN A 725 -0.08 -30.52 25.68
C GLN A 725 0.35 -31.98 25.58
N PRO A 726 1.63 -32.32 25.49
CA PRO A 726 2.00 -33.75 25.56
C PRO A 726 1.57 -34.43 26.85
N ALA A 727 1.59 -33.72 27.98
CA ALA A 727 1.15 -34.30 29.24
C ALA A 727 -0.33 -34.65 29.21
N PHE A 728 -1.11 -34.00 28.35
CA PHE A 728 -2.52 -34.36 28.20
C PHE A 728 -2.67 -35.79 27.69
N ALA A 729 -1.76 -36.23 26.83
CA ALA A 729 -1.80 -37.62 26.37
C ALA A 729 -1.54 -38.58 27.52
N ILE A 730 -0.60 -38.26 28.40
CA ILE A 730 -0.35 -39.10 29.57
C ILE A 730 -1.58 -39.13 30.47
N ILE A 731 -2.21 -37.98 30.68
CA ILE A 731 -3.41 -37.92 31.52
C ILE A 731 -4.51 -38.79 30.94
N PHE A 732 -4.72 -38.69 29.62
CA PHE A 732 -5.75 -39.49 28.98
C PHE A 732 -5.44 -40.98 29.06
N SER A 733 -4.18 -41.36 28.84
CA SER A 733 -3.82 -42.77 28.93
C SER A 733 -3.97 -43.29 30.35
N LYS A 734 -3.81 -42.42 31.36
CA LYS A 734 -3.99 -42.86 32.73
C LYS A 734 -5.46 -42.96 33.13
N ILE A 735 -6.32 -42.08 32.61
CA ILE A 735 -7.72 -42.03 33.05
C ILE A 735 -8.67 -42.70 32.07
N ILE A 736 -8.17 -43.27 30.97
CA ILE A 736 -9.07 -43.93 30.02
C ILE A 736 -9.74 -45.14 30.66
N GLY A 737 -9.01 -45.87 31.51
CA GLY A 737 -9.55 -47.07 32.12
C GLY A 737 -10.70 -46.81 33.07
N VAL A 738 -10.88 -45.57 33.50
CA VAL A 738 -11.93 -45.25 34.46
C VAL A 738 -13.24 -44.84 33.78
N PHE A 739 -13.17 -44.34 32.55
CA PHE A 739 -14.35 -43.86 31.84
C PHE A 739 -14.97 -44.91 30.94
N THR A 740 -14.45 -46.14 30.93
CA THR A 740 -14.92 -47.15 29.99
C THR A 740 -15.30 -48.45 30.71
N ARG A 741 -15.86 -48.36 31.91
CA ARG A 741 -16.31 -49.56 32.60
C ARG A 741 -17.48 -49.22 33.52
N ILE A 742 -18.57 -49.96 33.37
CA ILE A 742 -19.73 -49.84 34.24
C ILE A 742 -19.91 -51.07 35.13
N ASP A 743 -19.28 -52.19 34.79
CA ASP A 743 -19.43 -53.40 35.59
C ASP A 743 -18.94 -53.19 37.02
N ASP A 744 -17.89 -52.40 37.19
CA ASP A 744 -17.44 -52.06 38.53
C ASP A 744 -18.51 -51.27 39.25
N PRO A 745 -18.79 -51.58 40.51
CA PRO A 745 -19.87 -50.88 41.23
C PRO A 745 -19.61 -49.39 41.34
N GLU A 746 -20.69 -48.61 41.31
CA GLU A 746 -20.59 -47.17 41.46
C GLU A 746 -20.18 -46.75 42.87
N THR A 747 -20.21 -47.67 43.83
CA THR A 747 -19.79 -47.34 45.18
C THR A 747 -18.33 -46.92 45.23
N LYS A 748 -17.46 -47.62 44.50
CA LYS A 748 -16.06 -47.22 44.43
C LYS A 748 -15.93 -45.85 43.79
N ARG A 749 -16.62 -45.63 42.66
CA ARG A 749 -16.65 -44.36 41.92
C ARG A 749 -15.25 -43.78 41.71
N GLN A 750 -14.23 -44.64 41.73
CA GLN A 750 -12.84 -44.22 41.85
C GLN A 750 -12.69 -43.30 43.05
N ASN A 751 -12.70 -41.99 42.83
CA ASN A 751 -12.68 -41.04 43.94
C ASN A 751 -13.73 -39.96 43.76
N SER A 752 -14.08 -39.69 42.49
CA SER A 752 -14.99 -38.62 42.10
C SER A 752 -14.39 -37.23 42.33
N ASN A 753 -14.11 -36.88 43.58
CA ASN A 753 -13.74 -35.51 43.92
C ASN A 753 -12.43 -35.10 43.26
N LEU A 754 -11.41 -35.97 43.34
CA LEU A 754 -10.11 -35.60 42.81
C LEU A 754 -10.11 -35.47 41.29
N PHE A 755 -11.04 -36.13 40.60
CA PHE A 755 -11.17 -35.90 39.16
C PHE A 755 -11.63 -34.47 38.89
N SER A 756 -12.61 -33.99 39.65
CA SER A 756 -13.03 -32.60 39.53
C SER A 756 -11.88 -31.65 39.89
N LEU A 757 -11.10 -32.02 40.91
CA LEU A 757 -9.94 -31.22 41.27
C LEU A 757 -8.93 -31.16 40.13
N LEU A 758 -8.70 -32.30 39.47
CA LEU A 758 -7.78 -32.33 38.33
C LEU A 758 -8.28 -31.46 37.18
N PHE A 759 -9.58 -31.54 36.88
CA PHE A 759 -10.13 -30.71 35.82
C PHE A 759 -10.00 -29.23 36.16
N LEU A 760 -10.32 -28.86 37.40
CA LEU A 760 -10.19 -27.47 37.81
C LEU A 760 -8.73 -27.00 37.75
N ALA A 761 -7.80 -27.86 38.17
CA ALA A 761 -6.39 -27.50 38.14
C ALA A 761 -5.91 -27.30 36.72
N LEU A 762 -6.29 -28.19 35.80
CA LEU A 762 -5.91 -28.02 34.40
C LEU A 762 -6.50 -26.74 33.82
N GLY A 763 -7.77 -26.47 34.12
CA GLY A 763 -8.38 -25.24 33.64
C GLY A 763 -7.67 -24.00 34.15
N ILE A 764 -7.36 -23.98 35.45
CA ILE A 764 -6.69 -22.83 36.04
C ILE A 764 -5.30 -22.64 35.44
N ILE A 765 -4.54 -23.73 35.29
CA ILE A 765 -3.19 -23.62 34.74
C ILE A 765 -3.24 -23.12 33.31
N SER A 766 -4.14 -23.69 32.49
CA SER A 766 -4.25 -23.25 31.10
C SER A 766 -4.66 -21.78 31.02
N PHE A 767 -5.65 -21.38 31.82
CA PHE A 767 -6.08 -19.99 31.84
C PHE A 767 -4.93 -19.06 32.19
N ILE A 768 -4.23 -19.35 33.29
CA ILE A 768 -3.16 -18.48 33.74
C ILE A 768 -2.05 -18.39 32.70
N THR A 769 -1.65 -19.54 32.15
CA THR A 769 -0.53 -19.55 31.22
C THR A 769 -0.88 -18.83 29.92
N PHE A 770 -2.05 -19.12 29.35
CA PHE A 770 -2.46 -18.46 28.12
C PHE A 770 -2.57 -16.95 28.31
N PHE A 771 -3.25 -16.54 29.38
CA PHE A 771 -3.40 -15.11 29.66
C PHE A 771 -2.05 -14.43 29.82
N LEU A 772 -1.16 -15.03 30.62
CA LEU A 772 0.13 -14.41 30.89
C LEU A 772 0.95 -14.29 29.61
N GLN A 773 1.04 -15.38 28.83
CA GLN A 773 1.81 -15.34 27.60
C GLN A 773 1.28 -14.26 26.66
N GLY A 774 -0.02 -14.29 26.38
CA GLY A 774 -0.59 -13.34 25.45
C GLY A 774 -0.40 -11.90 25.90
N PHE A 775 -0.74 -11.62 27.16
CA PHE A 775 -0.65 -10.24 27.65
C PHE A 775 0.79 -9.76 27.64
N THR A 776 1.73 -10.57 28.14
CA THR A 776 3.11 -10.12 28.24
C THR A 776 3.71 -9.86 26.86
N PHE A 777 3.50 -10.79 25.92
CA PHE A 777 4.11 -10.60 24.61
C PHE A 777 3.45 -9.46 23.85
N GLY A 778 2.12 -9.30 23.97
CA GLY A 778 1.48 -8.15 23.36
C GLY A 778 1.98 -6.83 23.90
N LYS A 779 2.12 -6.74 25.22
CA LYS A 779 2.60 -5.50 25.83
C LYS A 779 4.03 -5.20 25.40
N ALA A 780 4.89 -6.22 25.37
CA ALA A 780 6.26 -6.01 24.94
C ALA A 780 6.32 -5.54 23.49
N GLY A 781 5.53 -6.18 22.62
CA GLY A 781 5.52 -5.78 21.22
C GLY A 781 5.03 -4.36 21.02
N GLU A 782 3.98 -3.97 21.75
CA GLU A 782 3.45 -2.62 21.60
C GLU A 782 4.43 -1.57 22.12
N ILE A 783 5.11 -1.85 23.23
CA ILE A 783 6.12 -0.91 23.70
C ILE A 783 7.24 -0.78 22.68
N LEU A 784 7.69 -1.91 22.13
CA LEU A 784 8.75 -1.86 21.13
C LEU A 784 8.34 -1.04 19.92
N THR A 785 7.13 -1.26 19.42
CA THR A 785 6.72 -0.56 18.21
C THR A 785 6.53 0.93 18.47
N LYS A 786 6.04 1.31 19.65
CA LYS A 786 5.92 2.73 19.97
C LYS A 786 7.30 3.39 20.00
N ARG A 787 8.25 2.78 20.71
CA ARG A 787 9.58 3.37 20.80
C ARG A 787 10.25 3.44 19.43
N LEU A 788 10.09 2.39 18.63
CA LEU A 788 10.71 2.38 17.31
C LEU A 788 10.10 3.45 16.41
N ARG A 789 8.78 3.62 16.46
CA ARG A 789 8.14 4.68 15.68
C ARG A 789 8.65 6.05 16.09
N TYR A 790 8.78 6.28 17.41
CA TYR A 790 9.29 7.55 17.88
C TYR A 790 10.70 7.81 17.35
N MET A 791 11.58 6.81 17.45
CA MET A 791 12.96 7.00 17.02
C MET A 791 13.07 7.20 15.51
N VAL A 792 12.31 6.43 14.73
CA VAL A 792 12.42 6.56 13.28
C VAL A 792 11.85 7.90 12.82
N PHE A 793 10.77 8.37 13.47
CA PHE A 793 10.26 9.69 13.12
C PHE A 793 11.26 10.79 13.47
N ARG A 794 11.92 10.69 14.63
CA ARG A 794 12.93 11.68 14.96
C ARG A 794 14.07 11.67 13.94
N SER A 795 14.52 10.47 13.54
CA SER A 795 15.58 10.39 12.54
C SER A 795 15.15 10.98 11.21
N MET A 796 13.90 10.72 10.80
CA MET A 796 13.40 11.29 9.56
C MET A 796 13.37 12.82 9.64
N LEU A 797 12.96 13.36 10.78
CA LEU A 797 12.95 14.81 10.95
C LEU A 797 14.36 15.40 10.89
N ARG A 798 15.35 14.69 11.46
CA ARG A 798 16.68 15.27 11.58
C ARG A 798 17.32 15.52 10.22
N GLN A 799 17.17 14.58 9.28
CA GLN A 799 18.00 14.60 8.09
C GLN A 799 17.56 15.71 7.13
N ASP A 800 18.39 15.90 6.11
CA ASP A 800 18.28 17.06 5.22
C ASP A 800 17.05 16.96 4.32
N VAL A 801 16.68 18.11 3.75
CA VAL A 801 15.56 18.18 2.83
C VAL A 801 15.89 17.45 1.52
N SER A 802 17.16 17.41 1.13
CA SER A 802 17.54 16.74 -0.11
C SER A 802 17.16 15.27 -0.08
N TRP A 803 17.19 14.64 1.10
CA TRP A 803 16.74 13.27 1.21
C TRP A 803 15.26 13.13 0.85
N PHE A 804 14.45 14.10 1.26
CA PHE A 804 13.04 14.10 0.87
C PHE A 804 12.88 14.39 -0.62
N ASP A 805 13.74 15.25 -1.18
CA ASP A 805 13.65 15.59 -2.59
C ASP A 805 13.94 14.38 -3.49
N ASP A 806 14.60 13.36 -2.96
CA ASP A 806 14.86 12.15 -3.73
C ASP A 806 13.52 11.51 -4.10
N PRO A 807 13.32 11.13 -5.37
CA PRO A 807 12.03 10.56 -5.77
C PRO A 807 11.80 9.12 -5.33
N LYS A 808 12.81 8.49 -4.72
CA LYS A 808 12.59 7.15 -4.16
C LYS A 808 11.60 7.19 -3.01
N ASN A 809 11.70 8.21 -2.15
CA ASN A 809 10.90 8.32 -0.94
C ASN A 809 10.07 9.60 -0.99
N THR A 810 8.78 9.46 -1.27
CA THR A 810 7.85 10.57 -1.20
C THR A 810 7.14 10.55 0.16
N THR A 811 6.13 11.39 0.31
CA THR A 811 5.35 11.39 1.56
C THR A 811 4.61 10.07 1.75
N GLY A 812 4.12 9.49 0.66
CA GLY A 812 3.43 8.21 0.78
C GLY A 812 4.36 7.09 1.23
N ALA A 813 5.57 7.03 0.68
CA ALA A 813 6.51 5.99 1.07
C ALA A 813 6.88 6.11 2.54
N LEU A 814 7.15 7.34 3.01
CA LEU A 814 7.50 7.53 4.41
C LEU A 814 6.32 7.22 5.32
N THR A 815 5.11 7.58 4.90
CA THR A 815 3.93 7.25 5.69
C THR A 815 3.75 5.74 5.80
N THR A 816 3.96 5.02 4.69
CA THR A 816 3.88 3.57 4.75
C THR A 816 4.97 2.98 5.65
N ARG A 817 6.18 3.53 5.58
CA ARG A 817 7.26 3.05 6.45
C ARG A 817 6.91 3.24 7.92
N LEU A 818 6.34 4.40 8.26
CA LEU A 818 5.95 4.64 9.65
C LEU A 818 4.74 3.80 10.05
N ALA A 819 3.88 3.46 9.09
CA ALA A 819 2.63 2.76 9.38
C ALA A 819 2.80 1.25 9.35
N ASN A 820 3.26 0.71 8.21
CA ASN A 820 3.33 -0.73 8.03
C ASN A 820 4.64 -1.29 8.55
N ASP A 821 5.77 -0.86 7.99
CA ASP A 821 7.04 -1.46 8.36
C ASP A 821 7.62 -0.86 9.63
N ALA A 822 6.80 -0.71 10.66
CA ALA A 822 7.33 -0.49 12.00
C ALA A 822 6.48 -1.14 13.09
N ALA A 823 5.39 -1.81 12.76
CA ALA A 823 4.54 -2.38 13.79
C ALA A 823 4.16 -3.83 13.53
N GLN A 824 3.90 -4.20 12.28
CA GLN A 824 3.46 -5.56 11.96
C GLN A 824 4.63 -6.49 11.70
N VAL A 825 5.86 -5.99 11.77
CA VAL A 825 7.05 -6.75 11.42
C VAL A 825 7.92 -7.03 12.64
N LYS A 826 8.22 -6.00 13.43
CA LYS A 826 9.10 -6.18 14.57
C LYS A 826 8.45 -7.04 15.65
N GLY A 827 7.12 -7.01 15.74
CA GLY A 827 6.43 -7.93 16.62
C GLY A 827 6.66 -9.38 16.24
N ALA A 828 6.79 -9.66 14.94
CA ALA A 828 7.09 -11.02 14.51
C ALA A 828 8.46 -11.47 15.01
N ILE A 829 9.45 -10.59 14.93
CA ILE A 829 10.79 -10.95 15.44
C ILE A 829 10.77 -11.10 16.95
N GLY A 830 10.01 -10.24 17.64
CA GLY A 830 9.92 -10.35 19.08
C GLY A 830 9.25 -11.65 19.54
N SER A 831 8.20 -12.07 18.82
CA SER A 831 7.46 -13.27 19.15
C SER A 831 8.02 -14.53 18.48
N ARG A 832 9.07 -14.40 17.67
CA ARG A 832 9.72 -15.59 17.15
C ARG A 832 10.31 -16.42 18.28
N LEU A 833 10.84 -15.78 19.31
CA LEU A 833 11.28 -16.50 20.49
C LEU A 833 10.12 -17.28 21.11
N ALA A 834 8.95 -16.66 21.20
CA ALA A 834 7.78 -17.33 21.76
C ALA A 834 7.39 -18.54 20.93
N VAL A 835 7.34 -18.39 19.61
CA VAL A 835 6.87 -19.48 18.76
C VAL A 835 7.90 -20.62 18.74
N ILE A 836 9.19 -20.29 18.72
CA ILE A 836 10.22 -21.32 18.74
C ILE A 836 10.20 -22.07 20.06
N THR A 837 10.07 -21.36 21.17
CA THR A 837 9.99 -22.02 22.48
C THR A 837 8.76 -22.91 22.56
N GLN A 838 7.61 -22.43 22.09
CA GLN A 838 6.40 -23.24 22.13
C GLN A 838 6.54 -24.49 21.27
N ASN A 839 7.12 -24.35 20.07
CA ASN A 839 7.30 -25.51 19.20
C ASN A 839 8.26 -26.53 19.83
N ILE A 840 9.35 -26.05 20.42
CA ILE A 840 10.30 -26.97 21.04
C ILE A 840 9.64 -27.70 22.21
N ALA A 841 8.93 -26.97 23.07
CA ALA A 841 8.27 -27.62 24.20
C ALA A 841 7.18 -28.56 23.74
N ASN A 842 6.56 -28.30 22.59
CA ASN A 842 5.51 -29.17 22.08
C ASN A 842 6.09 -30.44 21.47
N LEU A 843 7.22 -30.34 20.79
CA LEU A 843 7.75 -31.49 20.04
C LEU A 843 8.73 -32.33 20.86
N GLY A 844 9.71 -31.70 21.51
CA GLY A 844 10.72 -32.45 22.22
C GLY A 844 10.15 -33.25 23.38
N THR A 845 9.24 -32.65 24.14
CA THR A 845 8.62 -33.36 25.25
C THR A 845 7.83 -34.56 24.76
N GLY A 846 7.09 -34.38 23.65
CA GLY A 846 6.36 -35.50 23.09
C GLY A 846 7.28 -36.62 22.62
N ILE A 847 8.39 -36.26 21.98
CA ILE A 847 9.35 -37.27 21.55
C ILE A 847 9.93 -38.02 22.74
N ILE A 848 10.26 -37.29 23.81
CA ILE A 848 10.87 -37.93 24.99
C ILE A 848 9.87 -38.87 25.65
N ILE A 849 8.62 -38.43 25.81
CA ILE A 849 7.64 -39.27 26.49
C ILE A 849 7.30 -40.49 25.63
N SER A 850 7.24 -40.31 24.31
CA SER A 850 7.02 -41.45 23.44
C SER A 850 8.17 -42.45 23.54
N PHE A 851 9.41 -41.96 23.56
CA PHE A 851 10.56 -42.85 23.70
C PHE A 851 10.52 -43.60 25.02
N ILE A 852 10.09 -42.93 26.08
CA ILE A 852 9.93 -43.60 27.37
C ILE A 852 8.87 -44.69 27.27
N TYR A 853 7.76 -44.40 26.58
CA TYR A 853 6.64 -45.33 26.48
C TYR A 853 6.71 -46.23 25.24
N GLY A 854 7.78 -46.15 24.46
CA GLY A 854 7.91 -47.00 23.29
C GLY A 854 9.15 -46.72 22.47
N TRP A 855 9.63 -47.72 21.73
CA TRP A 855 10.83 -47.56 20.91
C TRP A 855 10.56 -47.72 19.42
N GLN A 856 10.00 -48.86 19.01
CA GLN A 856 9.91 -49.16 17.58
C GLN A 856 8.87 -48.29 16.89
N LEU A 857 7.68 -48.18 17.48
CA LEU A 857 6.64 -47.33 16.88
C LEU A 857 7.05 -45.87 16.90
N THR A 858 7.72 -45.44 17.97
CA THR A 858 8.19 -44.07 18.04
C THR A 858 9.20 -43.78 16.93
N LEU A 859 10.15 -44.70 16.70
CA LEU A 859 11.11 -44.49 15.62
C LEU A 859 10.43 -44.52 14.26
N LEU A 860 9.44 -45.41 14.08
CA LEU A 860 8.72 -45.46 12.81
C LEU A 860 8.01 -44.14 12.53
N LEU A 861 7.34 -43.58 13.54
CA LEU A 861 6.65 -42.31 13.35
C LEU A 861 7.64 -41.17 13.15
N LEU A 862 8.75 -41.20 13.87
CA LEU A 862 9.79 -40.18 13.69
C LEU A 862 10.48 -40.30 12.34
N ALA A 863 10.33 -41.43 11.65
CA ALA A 863 10.79 -41.55 10.27
C ALA A 863 9.73 -41.16 9.26
N ILE A 864 8.46 -41.41 9.55
CA ILE A 864 7.40 -41.11 8.59
C ILE A 864 7.04 -39.62 8.61
N VAL A 865 7.07 -38.98 9.78
CA VAL A 865 6.74 -37.54 9.84
C VAL A 865 7.64 -36.71 8.93
N PRO A 866 8.95 -36.94 8.85
CA PRO A 866 9.75 -36.19 7.87
C PRO A 866 9.30 -36.41 6.44
N ILE A 867 8.67 -37.53 6.11
CA ILE A 867 8.19 -37.75 4.76
C ILE A 867 7.06 -36.79 4.43
N ILE A 868 6.09 -36.64 5.34
CA ILE A 868 5.02 -35.69 5.09
C ILE A 868 5.54 -34.25 5.17
N ALA A 869 6.58 -34.02 5.99
CA ALA A 869 7.21 -32.70 5.99
C ALA A 869 7.83 -32.38 4.64
N ILE A 870 8.51 -33.36 4.04
CA ILE A 870 9.08 -33.18 2.71
C ILE A 870 7.98 -33.00 1.68
N ALA A 871 6.85 -33.69 1.87
CA ALA A 871 5.72 -33.51 0.97
C ALA A 871 5.19 -32.07 1.02
N GLY A 872 5.06 -31.52 2.24
CA GLY A 872 4.66 -30.13 2.37
C GLY A 872 5.68 -29.18 1.79
N VAL A 873 6.96 -29.51 1.94
CA VAL A 873 8.02 -28.70 1.34
C VAL A 873 7.91 -28.70 -0.17
N VAL A 874 7.61 -29.86 -0.76
CA VAL A 874 7.41 -29.95 -2.20
C VAL A 874 6.20 -29.14 -2.62
N GLU A 875 5.12 -29.19 -1.81
CA GLU A 875 3.94 -28.39 -2.10
C GLU A 875 4.26 -26.90 -2.15
N MET A 876 4.95 -26.40 -1.12
CA MET A 876 5.27 -24.98 -1.09
C MET A 876 6.29 -24.61 -2.17
N LYS A 877 7.21 -25.52 -2.51
CA LYS A 877 8.15 -25.26 -3.58
C LYS A 877 7.44 -25.14 -4.92
N MET A 878 6.49 -26.03 -5.19
CA MET A 878 5.72 -25.95 -6.43
C MET A 878 4.86 -24.69 -6.46
N LEU A 879 4.31 -24.30 -5.31
CA LEU A 879 3.54 -23.07 -5.25
C LEU A 879 4.40 -21.86 -5.55
N SER A 880 5.60 -21.80 -4.95
CA SER A 880 6.50 -20.67 -5.18
C SER A 880 7.13 -20.69 -6.56
N GLY A 881 7.18 -21.85 -7.22
CA GLY A 881 7.72 -21.93 -8.56
C GLY A 881 6.93 -21.11 -9.55
N GLN A 882 5.62 -21.04 -9.38
CA GLN A 882 4.78 -20.18 -10.20
C GLN A 882 4.43 -18.86 -9.54
N ALA A 883 4.43 -18.80 -8.20
CA ALA A 883 4.22 -17.53 -7.52
C ALA A 883 5.36 -16.55 -7.75
N LEU A 884 6.55 -17.04 -8.13
CA LEU A 884 7.66 -16.19 -8.48
C LEU A 884 7.86 -16.06 -9.99
N LYS A 885 7.52 -17.09 -10.75
CA LYS A 885 7.55 -17.00 -12.21
C LYS A 885 6.46 -16.08 -12.74
N ASP A 886 5.41 -15.83 -11.96
CA ASP A 886 4.35 -14.93 -12.38
C ASP A 886 4.86 -13.53 -12.59
N LYS A 887 5.78 -13.07 -11.72
CA LYS A 887 6.33 -11.74 -11.87
C LYS A 887 7.07 -11.59 -13.19
N LYS A 888 7.86 -12.61 -13.57
CA LYS A 888 8.52 -12.58 -14.87
C LYS A 888 7.52 -12.64 -16.00
N GLU A 889 6.47 -13.46 -15.87
CA GLU A 889 5.47 -13.57 -16.91
C GLU A 889 4.70 -12.26 -17.09
N LEU A 890 4.31 -11.63 -15.98
CA LEU A 890 3.57 -10.37 -16.03
C LEU A 890 4.54 -9.19 -15.90
N GLU A 891 5.31 -8.99 -16.96
CA GLU A 891 6.25 -7.87 -17.04
C GLU A 891 5.98 -6.95 -18.22
N GLY A 892 5.64 -7.50 -19.38
CA GLY A 892 5.26 -6.66 -20.50
C GLY A 892 3.97 -5.91 -20.24
N SER A 893 2.98 -6.59 -19.65
CA SER A 893 1.73 -5.92 -19.31
C SER A 893 1.98 -4.80 -18.31
N GLY A 894 2.81 -5.04 -17.30
CA GLY A 894 3.09 -4.01 -16.32
C GLY A 894 3.78 -2.81 -16.92
N LYS A 895 4.77 -3.03 -17.77
CA LYS A 895 5.49 -1.90 -18.37
C LYS A 895 4.60 -1.12 -19.32
N ILE A 896 3.76 -1.81 -20.09
CA ILE A 896 2.82 -1.09 -20.97
C ILE A 896 1.85 -0.27 -20.14
N ALA A 897 1.31 -0.85 -19.06
CA ALA A 897 0.36 -0.14 -18.22
C ALA A 897 1.00 1.08 -17.58
N THR A 898 2.22 0.95 -17.06
CA THR A 898 2.86 2.09 -16.41
C THR A 898 3.28 3.15 -17.43
N GLU A 899 3.64 2.74 -18.65
CA GLU A 899 3.93 3.73 -19.68
C GLU A 899 2.68 4.52 -20.04
N ALA A 900 1.55 3.84 -20.19
CA ALA A 900 0.31 4.55 -20.50
C ALA A 900 -0.12 5.46 -19.35
N ILE A 901 0.00 4.98 -18.11
CA ILE A 901 -0.47 5.76 -16.97
C ILE A 901 0.40 6.98 -16.72
N GLU A 902 1.73 6.81 -16.78
CA GLU A 902 2.62 7.92 -16.47
C GLU A 902 2.49 9.05 -17.48
N ASN A 903 2.33 8.71 -18.77
CA ASN A 903 2.18 9.69 -19.85
C ASN A 903 0.72 9.87 -20.23
N PHE A 904 -0.18 9.83 -19.26
CA PHE A 904 -1.61 9.76 -19.56
C PHE A 904 -2.10 11.00 -20.30
N ARG A 905 -1.54 12.17 -19.98
CA ARG A 905 -1.99 13.40 -20.62
C ARG A 905 -1.75 13.36 -22.12
N THR A 906 -0.57 12.91 -22.53
CA THR A 906 -0.28 12.77 -23.95
C THR A 906 -1.20 11.75 -24.61
N VAL A 907 -1.51 10.67 -23.88
CA VAL A 907 -2.36 9.62 -24.45
C VAL A 907 -3.76 10.15 -24.71
N VAL A 908 -4.36 10.84 -23.74
CA VAL A 908 -5.69 11.38 -23.97
C VAL A 908 -5.66 12.48 -25.02
N SER A 909 -4.58 13.27 -25.06
CA SER A 909 -4.48 14.30 -26.08
C SER A 909 -4.45 13.71 -27.48
N LEU A 910 -3.71 12.61 -27.67
CA LEU A 910 -3.63 11.98 -28.98
C LEU A 910 -4.80 11.05 -29.26
N THR A 911 -5.65 10.77 -28.27
CA THR A 911 -6.74 9.82 -28.39
C THR A 911 -6.24 8.46 -28.86
N GLN A 912 -5.14 8.01 -28.29
CA GLN A 912 -4.55 6.72 -28.60
C GLN A 912 -4.71 5.73 -27.44
N GLU A 913 -5.84 5.81 -26.75
CA GLU A 913 -6.11 4.89 -25.65
C GLU A 913 -6.50 3.50 -26.13
N GLN A 914 -7.18 3.41 -27.27
CA GLN A 914 -7.59 2.10 -27.79
C GLN A 914 -6.37 1.25 -28.13
N LYS A 915 -5.34 1.86 -28.72
CA LYS A 915 -4.15 1.09 -29.08
C LYS A 915 -3.45 0.53 -27.86
N PHE A 916 -3.30 1.36 -26.81
CA PHE A 916 -2.69 0.88 -25.58
C PHE A 916 -3.54 -0.20 -24.94
N GLU A 917 -4.86 -0.05 -25.01
CA GLU A 917 -5.75 -1.08 -24.47
C GLU A 917 -5.55 -2.41 -25.19
N HIS A 918 -5.42 -2.37 -26.52
CA HIS A 918 -5.19 -3.61 -27.27
C HIS A 918 -3.83 -4.23 -26.95
N MET A 919 -2.80 -3.40 -26.82
CA MET A 919 -1.49 -3.93 -26.47
C MET A 919 -1.53 -4.60 -25.10
N TYR A 920 -2.21 -3.97 -24.13
CA TYR A 920 -2.39 -4.59 -22.82
C TYR A 920 -3.19 -5.88 -22.93
N ALA A 921 -4.17 -5.91 -23.84
CA ALA A 921 -4.96 -7.12 -24.03
C ALA A 921 -4.09 -8.29 -24.47
N GLN A 922 -3.19 -8.06 -25.43
CA GLN A 922 -2.29 -9.14 -25.85
C GLN A 922 -1.33 -9.55 -24.74
N SER A 923 -0.76 -8.56 -24.05
CA SER A 923 0.18 -8.84 -22.97
C SER A 923 -0.49 -9.52 -21.80
N LEU A 924 -1.82 -9.48 -21.71
CA LEU A 924 -2.55 -10.33 -20.77
C LEU A 924 -2.89 -11.68 -21.37
N GLN A 925 -3.16 -11.72 -22.68
CA GLN A 925 -3.61 -12.95 -23.31
C GLN A 925 -2.56 -14.04 -23.21
N VAL A 926 -1.29 -13.68 -23.37
CA VAL A 926 -0.25 -14.73 -23.27
C VAL A 926 -0.18 -15.31 -21.86
N PRO A 927 -0.01 -14.48 -20.81
CA PRO A 927 -0.04 -15.04 -19.45
C PRO A 927 -1.37 -15.66 -19.08
N TYR A 928 -2.45 -15.31 -19.77
CA TYR A 928 -3.73 -15.98 -19.54
C TYR A 928 -3.61 -17.47 -19.89
N ARG A 929 -3.03 -17.77 -21.04
CA ARG A 929 -2.82 -19.16 -21.41
C ARG A 929 -1.83 -19.83 -20.45
N ASN A 930 -0.80 -19.11 -20.04
CA ASN A 930 0.13 -19.69 -19.07
C ASN A 930 -0.57 -20.05 -17.76
N SER A 931 -1.44 -19.16 -17.28
CA SER A 931 -2.15 -19.41 -16.03
C SER A 931 -3.16 -20.56 -16.17
N LEU A 932 -3.82 -20.65 -17.33
CA LEU A 932 -4.73 -21.78 -17.53
C LEU A 932 -3.97 -23.09 -17.64
N ARG A 933 -2.73 -23.06 -18.13
CA ARG A 933 -1.93 -24.27 -18.15
C ARG A 933 -1.42 -24.64 -16.76
N LYS A 934 -1.19 -23.63 -15.91
CA LYS A 934 -0.72 -23.90 -14.55
C LYS A 934 -1.69 -24.76 -13.75
N ALA A 935 -2.97 -24.74 -14.12
CA ALA A 935 -3.99 -25.42 -13.33
C ALA A 935 -3.76 -26.92 -13.27
N HIS A 936 -3.40 -27.53 -14.40
CA HIS A 936 -3.17 -28.97 -14.42
C HIS A 936 -2.01 -29.37 -13.51
N ILE A 937 -0.90 -28.62 -13.58
CA ILE A 937 0.25 -28.92 -12.74
C ILE A 937 -0.11 -28.77 -11.27
N PHE A 938 -0.81 -27.69 -10.92
CA PHE A 938 -1.18 -27.47 -9.52
C PHE A 938 -2.11 -28.58 -9.04
N GLY A 939 -3.09 -28.97 -9.86
CA GLY A 939 -3.99 -30.03 -9.48
C GLY A 939 -3.28 -31.36 -9.28
N ILE A 940 -2.36 -31.69 -10.18
CA ILE A 940 -1.61 -32.95 -10.06
C ILE A 940 -0.76 -32.94 -8.80
N THR A 941 -0.07 -31.84 -8.53
CA THR A 941 0.77 -31.77 -7.35
C THR A 941 -0.06 -31.90 -6.07
N PHE A 942 -1.18 -31.17 -6.00
CA PHE A 942 -2.02 -31.26 -4.82
C PHE A 942 -2.61 -32.65 -4.66
N SER A 943 -3.04 -33.27 -5.76
CA SER A 943 -3.61 -34.61 -5.69
C SER A 943 -2.58 -35.62 -5.20
N PHE A 944 -1.33 -35.51 -5.68
CA PHE A 944 -0.31 -36.45 -5.26
C PHE A 944 0.07 -36.24 -3.79
N THR A 945 0.17 -34.98 -3.35
CA THR A 945 0.46 -34.72 -1.94
C THR A 945 -0.66 -35.25 -1.05
N GLN A 946 -1.91 -35.04 -1.46
CA GLN A 946 -3.04 -35.54 -0.69
C GLN A 946 -3.05 -37.06 -0.67
N ALA A 947 -2.69 -37.69 -1.79
CA ALA A 947 -2.62 -39.15 -1.84
C ALA A 947 -1.54 -39.68 -0.90
N MET A 948 -0.39 -39.00 -0.84
CA MET A 948 0.65 -39.42 0.09
C MET A 948 0.20 -39.25 1.54
N MET A 949 -0.43 -38.12 1.85
CA MET A 949 -0.94 -37.91 3.20
C MET A 949 -2.02 -38.92 3.56
N TYR A 950 -2.78 -39.37 2.57
CA TYR A 950 -3.83 -40.37 2.78
C TYR A 950 -3.25 -41.76 2.99
N PHE A 951 -2.19 -42.09 2.25
CA PHE A 951 -1.53 -43.38 2.36
C PHE A 951 -0.67 -43.48 3.60
N SER A 952 -0.23 -42.35 4.15
CA SER A 952 0.56 -42.39 5.39
C SER A 952 -0.24 -42.98 6.54
N TYR A 953 -1.52 -42.59 6.67
CA TYR A 953 -2.33 -43.08 7.78
C TYR A 953 -2.53 -44.59 7.68
N ALA A 954 -2.76 -45.11 6.48
CA ALA A 954 -2.98 -46.54 6.31
C ALA A 954 -1.75 -47.35 6.74
N GLY A 955 -0.56 -46.87 6.38
CA GLY A 955 0.65 -47.58 6.77
C GLY A 955 0.88 -47.59 8.26
N CYS A 956 0.53 -46.49 8.94
CA CYS A 956 0.72 -46.42 10.39
C CYS A 956 -0.17 -47.43 11.10
N PHE A 957 -1.42 -47.56 10.67
CA PHE A 957 -2.32 -48.53 11.31
C PHE A 957 -1.87 -49.95 11.05
N ARG A 958 -1.39 -50.24 9.85
CA ARG A 958 -0.90 -51.59 9.54
C ARG A 958 0.25 -51.99 10.45
N PHE A 959 1.20 -51.07 10.65
CA PHE A 959 2.33 -51.37 11.53
C PHE A 959 1.89 -51.40 12.99
N GLY A 960 1.06 -50.42 13.40
CA GLY A 960 0.63 -50.37 14.78
C GLY A 960 -0.15 -51.61 15.20
N ALA A 961 -1.07 -52.05 14.35
CA ALA A 961 -1.78 -53.29 14.63
C ALA A 961 -0.82 -54.48 14.67
N TYR A 962 0.28 -54.40 13.92
CA TYR A 962 1.31 -55.43 13.97
C TYR A 962 2.01 -55.48 15.31
N LEU A 963 2.00 -54.37 16.06
CA LEU A 963 2.64 -54.34 17.38
C LEU A 963 1.68 -54.69 18.51
N VAL A 964 0.48 -54.11 18.48
CA VAL A 964 -0.47 -54.35 19.58
C VAL A 964 -0.93 -55.80 19.59
N ALA A 965 -1.08 -56.42 18.42
CA ALA A 965 -1.51 -57.81 18.36
C ALA A 965 -0.53 -58.73 19.06
N HIS A 966 0.76 -58.53 18.85
CA HIS A 966 1.79 -59.32 19.52
C HIS A 966 2.24 -58.67 20.82
N LYS A 967 1.27 -58.35 21.69
CA LYS A 967 1.52 -57.73 22.98
C LYS A 967 2.38 -56.49 22.85
N LEU A 968 3.55 -56.50 23.49
CA LEU A 968 4.56 -55.44 23.37
C LEU A 968 4.02 -54.11 23.86
N MET A 969 3.05 -53.54 23.13
CA MET A 969 2.49 -52.23 23.46
C MET A 969 0.98 -52.36 23.62
N SER A 970 0.46 -51.82 24.72
CA SER A 970 -0.98 -51.75 24.89
C SER A 970 -1.56 -50.64 24.01
N PHE A 971 -2.86 -50.73 23.73
CA PHE A 971 -3.49 -49.75 22.85
C PHE A 971 -3.48 -48.36 23.45
N GLU A 972 -3.53 -48.26 24.79
CA GLU A 972 -3.41 -46.95 25.43
C GLU A 972 -2.05 -46.33 25.15
N ASP A 973 -0.99 -47.14 25.17
CA ASP A 973 0.33 -46.63 24.82
C ASP A 973 0.38 -46.18 23.37
N VAL A 974 -0.31 -46.90 22.48
CA VAL A 974 -0.37 -46.49 21.08
C VAL A 974 -1.06 -45.14 20.94
N LEU A 975 -2.17 -44.96 21.67
CA LEU A 975 -2.85 -43.66 21.64
C LEU A 975 -1.95 -42.57 22.16
N LEU A 976 -1.21 -42.83 23.24
CA LEU A 976 -0.31 -41.82 23.80
C LEU A 976 0.77 -41.44 22.80
N VAL A 977 1.40 -42.42 22.17
CA VAL A 977 2.51 -42.11 21.27
C VAL A 977 2.00 -41.41 20.01
N PHE A 978 0.83 -41.80 19.51
CA PHE A 978 0.26 -41.09 18.37
C PHE A 978 -0.05 -39.64 18.73
N SER A 979 -0.78 -39.43 19.82
CA SER A 979 -1.16 -38.09 20.24
C SER A 979 0.06 -37.22 20.48
N ALA A 980 1.15 -37.80 20.96
CA ALA A 980 2.37 -37.02 21.10
C ALA A 980 2.95 -36.70 19.73
N VAL A 981 3.38 -37.73 18.99
CA VAL A 981 4.23 -37.51 17.82
C VAL A 981 3.45 -36.83 16.70
N VAL A 982 2.40 -37.49 16.20
CA VAL A 982 1.80 -37.01 14.95
C VAL A 982 0.97 -35.75 15.20
N PHE A 983 0.30 -35.69 16.34
CA PHE A 983 -0.49 -34.52 16.68
C PHE A 983 0.33 -33.43 17.38
N GLY A 984 1.64 -33.63 17.52
CA GLY A 984 2.52 -32.51 17.80
C GLY A 984 3.14 -32.00 16.53
N ALA A 985 3.42 -32.91 15.59
CA ALA A 985 3.93 -32.48 14.29
C ALA A 985 2.90 -31.64 13.56
N MET A 986 1.64 -32.08 13.55
CA MET A 986 0.59 -31.26 12.95
C MET A 986 0.43 -29.95 13.70
N ALA A 987 0.53 -29.98 15.03
CA ALA A 987 0.33 -28.76 15.80
C ALA A 987 1.42 -27.73 15.52
N VAL A 988 2.68 -28.16 15.46
CA VAL A 988 3.76 -27.22 15.15
C VAL A 988 3.67 -26.76 13.70
N GLY A 989 3.22 -27.63 12.79
CA GLY A 989 3.00 -27.19 11.43
C GLY A 989 1.95 -26.09 11.33
N GLN A 990 0.89 -26.19 12.13
CA GLN A 990 -0.14 -25.15 12.11
C GLN A 990 0.34 -23.88 12.80
N VAL A 991 1.05 -24.02 13.92
CA VAL A 991 1.51 -22.85 14.67
C VAL A 991 2.53 -22.06 13.86
N SER A 992 3.35 -22.75 13.05
CA SER A 992 4.28 -22.03 12.18
C SER A 992 3.56 -21.21 11.12
N SER A 993 2.31 -21.55 10.78
CA SER A 993 1.56 -20.72 9.83
C SER A 993 1.21 -19.37 10.43
N PHE A 994 0.90 -19.33 11.73
CA PHE A 994 0.66 -18.07 12.43
C PHE A 994 2.01 -17.43 12.72
N ALA A 995 2.03 -16.41 13.58
CA ALA A 995 3.26 -15.73 13.97
C ALA A 995 4.01 -15.24 12.73
N PRO A 996 3.59 -14.10 12.14
CA PRO A 996 4.00 -13.73 10.78
C PRO A 996 5.44 -14.01 10.39
N ASP A 997 5.62 -14.33 9.11
CA ASP A 997 6.85 -14.96 8.64
C ASP A 997 8.08 -14.10 8.91
N TYR A 998 9.19 -14.79 9.19
CA TYR A 998 10.47 -14.15 9.42
C TYR A 998 11.16 -13.91 8.08
N ALA A 999 10.44 -13.31 7.13
CA ALA A 999 11.00 -12.93 5.84
C ALA A 999 10.92 -11.43 5.60
N LYS A 1000 9.73 -10.84 5.68
CA LYS A 1000 9.58 -9.41 5.54
C LYS A 1000 9.99 -8.65 6.80
N ALA A 1001 9.95 -9.31 7.95
CA ALA A 1001 10.38 -8.66 9.19
C ALA A 1001 11.86 -8.28 9.13
N LYS A 1002 12.70 -9.15 8.55
CA LYS A 1002 14.13 -8.87 8.49
C LYS A 1002 14.43 -7.68 7.58
N ILE A 1003 13.83 -7.64 6.39
CA ILE A 1003 14.08 -6.53 5.48
C ILE A 1003 13.51 -5.24 6.04
N SER A 1004 12.35 -5.32 6.71
CA SER A 1004 11.80 -4.14 7.35
C SER A 1004 12.71 -3.63 8.46
N ALA A 1005 13.28 -4.54 9.25
CA ALA A 1005 14.22 -4.13 10.29
C ALA A 1005 15.47 -3.50 9.69
N ALA A 1006 15.95 -4.04 8.57
CA ALA A 1006 17.09 -3.44 7.90
C ALA A 1006 16.76 -2.03 7.43
N HIS A 1007 15.57 -1.83 6.87
CA HIS A 1007 15.16 -0.49 6.46
C HIS A 1007 15.09 0.46 7.65
N ILE A 1008 14.50 0.00 8.76
CA ILE A 1008 14.38 0.84 9.95
C ILE A 1008 15.77 1.23 10.46
N ILE A 1009 16.69 0.27 10.50
CA ILE A 1009 18.04 0.55 10.99
C ILE A 1009 18.76 1.51 10.06
N MET A 1010 18.60 1.34 8.74
CA MET A 1010 19.30 2.21 7.81
C MET A 1010 18.73 3.63 7.82
N ILE A 1011 17.44 3.78 8.13
CA ILE A 1011 16.85 5.11 8.22
C ILE A 1011 17.49 5.89 9.35
N ILE A 1012 17.72 5.25 10.50
CA ILE A 1012 18.40 5.91 11.60
C ILE A 1012 19.83 6.23 11.20
N GLU A 1013 20.33 7.38 11.68
CA GLU A 1013 21.64 7.94 11.36
C GLU A 1013 21.98 7.81 9.88
N LYS A 1014 21.02 8.10 9.01
CA LYS A 1014 21.22 7.90 7.58
C LYS A 1014 22.06 9.01 6.96
N THR A 1015 21.58 10.25 7.02
CA THR A 1015 22.24 11.39 6.40
C THR A 1015 22.37 12.53 7.41
N PRO A 1016 23.33 12.42 8.34
CA PRO A 1016 23.54 13.51 9.30
C PRO A 1016 24.45 14.60 8.76
N LEU A 1017 24.63 14.63 7.42
CA LEU A 1017 25.56 15.58 6.82
C LEU A 1017 25.21 17.02 7.20
N ILE A 1018 23.94 17.37 7.08
CA ILE A 1018 23.45 18.69 7.51
C ILE A 1018 22.39 18.43 8.57
N ASP A 1019 22.80 18.44 9.84
CA ASP A 1019 21.88 18.21 10.94
C ASP A 1019 21.27 19.53 11.39
N SER A 1020 19.95 19.54 11.57
CA SER A 1020 19.24 20.78 11.85
C SER A 1020 19.59 21.33 13.23
N TYR A 1021 19.89 20.47 14.19
CA TYR A 1021 20.21 20.94 15.54
C TYR A 1021 21.67 20.61 15.90
N SER A 1022 22.58 20.88 14.97
CA SER A 1022 24.00 20.71 15.25
C SER A 1022 24.41 21.55 16.46
N THR A 1023 25.15 20.92 17.38
CA THR A 1023 25.52 21.60 18.62
C THR A 1023 26.61 22.65 18.38
N GLU A 1024 27.57 22.34 17.52
CA GLU A 1024 28.70 23.24 17.32
C GLU A 1024 28.27 24.46 16.51
N GLY A 1025 29.24 25.30 16.17
CA GLY A 1025 28.99 26.51 15.43
C GLY A 1025 28.93 27.73 16.34
N LEU A 1026 29.21 28.89 15.75
CA LEU A 1026 29.21 30.15 16.47
C LEU A 1026 27.90 30.88 16.22
N MET A 1027 27.41 31.58 17.25
CA MET A 1027 26.16 32.33 17.20
C MET A 1027 26.45 33.78 17.57
N PRO A 1028 26.89 34.58 16.61
CA PRO A 1028 27.15 36.00 16.91
C PRO A 1028 25.86 36.74 17.25
N ASN A 1029 26.00 37.78 18.07
CA ASN A 1029 24.84 38.54 18.51
C ASN A 1029 24.35 39.51 17.45
N THR A 1030 25.25 40.33 16.90
CA THR A 1030 24.87 41.31 15.91
C THR A 1030 24.54 40.65 14.58
N LEU A 1031 23.59 41.24 13.85
CA LEU A 1031 23.16 40.75 12.55
C LEU A 1031 22.97 41.95 11.64
N GLU A 1032 23.98 42.26 10.81
CA GLU A 1032 23.90 43.41 9.93
C GLU A 1032 22.92 43.19 8.78
N GLY A 1033 22.59 41.94 8.47
CA GLY A 1033 21.65 41.65 7.39
C GLY A 1033 22.16 41.97 6.01
N ASN A 1034 23.41 41.66 5.71
CA ASN A 1034 23.99 41.82 4.38
C ASN A 1034 24.28 40.46 3.80
N VAL A 1035 23.77 40.20 2.59
CA VAL A 1035 23.95 38.92 1.91
C VAL A 1035 24.67 39.17 0.60
N THR A 1036 25.79 38.48 0.39
CA THR A 1036 26.60 38.59 -0.81
C THR A 1036 26.80 37.21 -1.43
N PHE A 1037 26.68 37.14 -2.75
CA PHE A 1037 26.87 35.91 -3.51
C PHE A 1037 28.03 36.08 -4.47
N GLY A 1038 28.90 35.07 -4.56
CA GLY A 1038 29.99 35.10 -5.53
C GLY A 1038 30.19 33.80 -6.26
N GLU A 1039 30.00 33.83 -7.59
CA GLU A 1039 30.25 32.68 -8.47
C GLU A 1039 29.53 31.43 -7.97
N VAL A 1040 28.33 31.61 -7.46
CA VAL A 1040 27.59 30.52 -6.84
C VAL A 1040 27.06 29.58 -7.93
N VAL A 1041 27.56 28.35 -7.94
CA VAL A 1041 27.12 27.34 -8.90
C VAL A 1041 26.52 26.19 -8.10
N PHE A 1042 25.24 25.90 -8.34
CA PHE A 1042 24.52 24.86 -7.63
C PHE A 1042 23.74 24.00 -8.62
N ASN A 1043 23.66 22.71 -8.33
CA ASN A 1043 22.93 21.77 -9.16
C ASN A 1043 22.00 20.93 -8.28
N TYR A 1044 20.80 20.68 -8.76
CA TYR A 1044 19.86 19.83 -8.03
C TYR A 1044 20.42 18.41 -7.96
N PRO A 1045 20.52 17.81 -6.77
CA PRO A 1045 21.11 16.47 -6.67
C PRO A 1045 20.35 15.41 -7.46
N THR A 1046 19.03 15.55 -7.59
CA THR A 1046 18.26 14.57 -8.34
C THR A 1046 18.64 14.59 -9.82
N ARG A 1047 18.83 15.78 -10.39
CA ARG A 1047 19.21 15.95 -11.80
C ARG A 1047 20.42 16.87 -11.87
N PRO A 1048 21.60 16.38 -11.50
CA PRO A 1048 22.78 17.25 -11.46
C PRO A 1048 23.30 17.65 -12.83
N ASP A 1049 22.88 16.97 -13.90
CA ASP A 1049 23.41 17.27 -15.22
C ASP A 1049 22.95 18.64 -15.71
N ILE A 1050 21.72 19.02 -15.40
CA ILE A 1050 21.16 20.30 -15.84
C ILE A 1050 21.52 21.35 -14.78
N PRO A 1051 22.33 22.35 -15.11
CA PRO A 1051 22.64 23.39 -14.13
C PRO A 1051 21.47 24.33 -13.91
N VAL A 1052 21.44 24.94 -12.73
CA VAL A 1052 20.45 25.96 -12.41
C VAL A 1052 21.07 27.28 -11.97
N LEU A 1053 22.33 27.30 -11.55
CA LEU A 1053 23.01 28.52 -11.13
C LEU A 1053 24.16 28.82 -12.07
N GLN A 1054 24.17 30.04 -12.60
CA GLN A 1054 25.16 30.45 -13.59
C GLN A 1054 26.40 31.08 -12.96
N GLY A 1055 26.41 31.31 -11.65
CA GLY A 1055 27.53 31.94 -11.00
C GLY A 1055 27.40 33.46 -10.94
N LEU A 1056 26.26 33.93 -10.42
CA LEU A 1056 25.98 35.36 -10.39
C LEU A 1056 26.72 36.01 -9.23
N SER A 1057 26.62 37.33 -9.14
CA SER A 1057 27.25 38.12 -8.08
C SER A 1057 26.20 39.11 -7.57
N LEU A 1058 25.54 38.74 -6.48
CA LEU A 1058 24.45 39.52 -5.91
C LEU A 1058 24.81 39.94 -4.50
N GLU A 1059 24.79 41.24 -4.23
CA GLU A 1059 25.14 41.78 -2.92
C GLU A 1059 23.99 42.65 -2.41
N VAL A 1060 23.67 42.50 -1.13
CA VAL A 1060 22.56 43.20 -0.50
C VAL A 1060 23.08 44.00 0.69
N LYS A 1061 22.69 45.27 0.77
CA LYS A 1061 22.99 46.11 1.90
C LYS A 1061 21.78 46.18 2.83
N LYS A 1062 21.99 46.74 4.02
CA LYS A 1062 20.93 46.81 5.01
C LYS A 1062 19.83 47.76 4.57
N GLY A 1063 18.58 47.36 4.79
CA GLY A 1063 17.44 48.20 4.46
C GLY A 1063 17.27 48.46 2.98
N GLN A 1064 17.48 47.45 2.15
CA GLN A 1064 17.30 47.58 0.71
C GLN A 1064 16.55 46.37 0.19
N THR A 1065 15.65 46.61 -0.76
CA THR A 1065 14.81 45.56 -1.33
C THR A 1065 15.16 45.36 -2.80
N LEU A 1066 15.02 44.11 -3.25
CA LEU A 1066 15.34 43.76 -4.63
C LEU A 1066 14.53 42.55 -5.05
N ALA A 1067 14.43 42.35 -6.35
CA ALA A 1067 13.69 41.24 -6.93
C ALA A 1067 14.54 40.58 -8.01
N LEU A 1068 14.32 39.28 -8.20
CA LEU A 1068 15.06 38.49 -9.19
C LEU A 1068 14.24 38.23 -10.44
N VAL A 1069 13.06 38.85 -10.58
CA VAL A 1069 12.24 38.64 -11.77
C VAL A 1069 12.94 39.20 -13.00
N GLY A 1070 13.67 40.31 -12.84
CA GLY A 1070 14.39 40.92 -13.92
C GLY A 1070 15.72 40.31 -14.27
N SER A 1071 16.09 39.22 -13.59
CA SER A 1071 17.36 38.56 -13.84
C SER A 1071 17.24 37.68 -15.09
N SER A 1072 18.24 36.79 -15.29
CA SER A 1072 18.24 35.93 -16.46
C SER A 1072 17.06 34.97 -16.50
N GLY A 1073 16.40 34.74 -15.37
CA GLY A 1073 15.27 33.86 -15.30
C GLY A 1073 15.65 32.45 -14.87
N CYS A 1074 14.62 31.69 -14.51
CA CYS A 1074 14.74 30.30 -14.04
C CYS A 1074 15.59 30.17 -12.77
N GLY A 1075 15.89 31.28 -12.12
CA GLY A 1075 16.67 31.26 -10.89
C GLY A 1075 16.04 32.08 -9.79
N LYS A 1076 14.72 32.03 -9.70
CA LYS A 1076 13.96 32.80 -8.71
C LYS A 1076 13.55 31.96 -7.50
N SER A 1077 13.18 30.69 -7.71
CA SER A 1077 12.75 29.81 -6.64
C SER A 1077 13.88 28.98 -6.06
N THR A 1078 15.11 29.49 -6.10
CA THR A 1078 16.28 28.76 -5.59
C THR A 1078 17.01 29.50 -4.50
N VAL A 1079 17.06 30.83 -4.55
CA VAL A 1079 17.79 31.60 -3.55
C VAL A 1079 17.20 31.40 -2.16
N VAL A 1080 15.90 31.10 -2.07
CA VAL A 1080 15.30 30.85 -0.77
C VAL A 1080 15.85 29.57 -0.15
N GLN A 1081 16.22 28.59 -0.98
CA GLN A 1081 16.87 27.40 -0.44
C GLN A 1081 18.32 27.68 -0.05
N LEU A 1082 19.01 28.51 -0.83
CA LEU A 1082 20.43 28.75 -0.58
C LEU A 1082 20.63 29.58 0.69
N LEU A 1083 19.86 30.64 0.86
CA LEU A 1083 20.05 31.50 2.02
C LEU A 1083 19.62 30.82 3.30
N GLU A 1084 18.61 29.94 3.24
CA GLU A 1084 18.15 29.20 4.39
C GLU A 1084 18.92 27.90 4.62
N ARG A 1085 19.96 27.66 3.82
CA ARG A 1085 20.80 26.47 3.93
C ARG A 1085 19.98 25.19 3.80
N PHE A 1086 18.97 25.22 2.92
CA PHE A 1086 18.30 23.98 2.54
C PHE A 1086 19.23 23.09 1.73
N TYR A 1087 20.01 23.71 0.85
CA TYR A 1087 20.96 22.94 0.03
C TYR A 1087 22.39 23.40 0.30
N ASP A 1088 23.33 22.95 -0.53
CA ASP A 1088 24.74 23.26 -0.35
C ASP A 1088 25.35 23.56 -1.71
N PRO A 1089 25.93 24.76 -1.90
CA PRO A 1089 26.49 25.12 -3.21
C PRO A 1089 27.76 24.33 -3.50
N LEU A 1090 27.77 23.66 -4.65
CA LEU A 1090 28.96 22.91 -5.04
C LEU A 1090 30.16 23.82 -5.27
N ALA A 1091 29.93 24.95 -5.94
CA ALA A 1091 31.00 25.90 -6.23
C ALA A 1091 30.48 27.33 -6.08
N GLY A 1092 31.25 28.17 -5.41
CA GLY A 1092 30.90 29.55 -5.16
C GLY A 1092 31.10 29.90 -3.71
N LYS A 1093 30.54 31.04 -3.32
CA LYS A 1093 30.62 31.49 -1.94
C LYS A 1093 29.42 32.35 -1.60
N VAL A 1094 28.99 32.28 -0.35
CA VAL A 1094 27.92 33.11 0.18
C VAL A 1094 28.39 33.70 1.49
N LEU A 1095 28.30 35.03 1.62
CA LEU A 1095 28.73 35.72 2.84
C LEU A 1095 27.53 36.43 3.46
N LEU A 1096 27.34 36.21 4.75
CA LEU A 1096 26.31 36.90 5.53
C LEU A 1096 27.01 37.91 6.43
N ASP A 1097 26.81 39.20 6.14
CA ASP A 1097 27.49 40.28 6.86
C ASP A 1097 29.00 40.13 6.79
N GLY A 1098 29.49 39.71 5.61
CA GLY A 1098 30.91 39.53 5.40
C GLY A 1098 31.48 38.23 5.92
N LYS A 1099 30.65 37.32 6.42
CA LYS A 1099 31.10 36.05 6.98
C LYS A 1099 30.47 34.90 6.21
N GLU A 1100 31.27 33.89 5.90
CA GLU A 1100 30.78 32.71 5.20
C GLU A 1100 29.72 32.00 6.03
N ILE A 1101 28.59 31.69 5.39
CA ILE A 1101 27.46 31.11 6.12
C ILE A 1101 27.66 29.63 6.44
N LYS A 1102 28.62 28.96 5.81
CA LYS A 1102 28.79 27.54 6.03
C LYS A 1102 29.29 27.25 7.45
N ARG A 1103 29.97 28.22 8.07
CA ARG A 1103 30.53 28.01 9.40
C ARG A 1103 29.55 28.30 10.51
N LEU A 1104 28.57 29.17 10.28
CA LEU A 1104 27.60 29.50 11.32
C LEU A 1104 26.68 28.32 11.60
N ASN A 1105 26.18 28.26 12.83
CA ASN A 1105 25.25 27.22 13.22
C ASN A 1105 23.95 27.35 12.43
N VAL A 1106 23.43 26.20 11.99
CA VAL A 1106 22.25 26.22 11.12
C VAL A 1106 21.01 26.68 11.88
N GLN A 1107 20.88 26.27 13.14
CA GLN A 1107 19.69 26.62 13.92
C GLN A 1107 19.60 28.12 14.14
N TRP A 1108 20.72 28.76 14.49
CA TRP A 1108 20.71 30.20 14.69
C TRP A 1108 20.40 30.94 13.39
N LEU A 1109 20.92 30.45 12.27
CA LEU A 1109 20.62 31.06 10.98
C LEU A 1109 19.14 30.95 10.66
N ARG A 1110 18.54 29.79 10.93
CA ARG A 1110 17.12 29.61 10.64
C ARG A 1110 16.24 30.39 11.60
N ALA A 1111 16.75 30.71 12.80
CA ALA A 1111 15.95 31.44 13.77
C ALA A 1111 15.93 32.95 13.52
N HIS A 1112 16.71 33.45 12.56
CA HIS A 1112 16.76 34.87 12.27
C HIS A 1112 16.41 35.18 10.82
N LEU A 1113 15.52 34.38 10.23
CA LEU A 1113 15.04 34.61 8.87
C LEU A 1113 13.53 34.44 8.84
N GLY A 1114 12.84 35.39 8.23
CA GLY A 1114 11.40 35.29 8.02
C GLY A 1114 11.13 34.89 6.58
N ILE A 1115 10.21 33.95 6.40
CA ILE A 1115 9.85 33.44 5.08
C ILE A 1115 8.35 33.49 4.91
N VAL A 1116 7.90 34.09 3.82
CA VAL A 1116 6.49 34.09 3.44
C VAL A 1116 6.39 33.63 2.01
N SER A 1117 5.58 32.61 1.76
CA SER A 1117 5.45 32.02 0.44
C SER A 1117 4.18 32.50 -0.25
N GLN A 1118 3.95 32.01 -1.47
CA GLN A 1118 2.77 32.40 -2.22
C GLN A 1118 1.50 31.96 -1.50
N GLU A 1119 1.49 30.75 -0.95
CA GLU A 1119 0.38 30.28 -0.14
C GLU A 1119 0.91 29.69 1.16
N PRO A 1120 0.21 29.88 2.27
CA PRO A 1120 0.60 29.26 3.53
C PRO A 1120 -0.12 27.94 3.76
N ILE A 1121 0.54 27.07 4.51
CA ILE A 1121 -0.05 25.80 4.95
C ILE A 1121 -0.21 25.88 6.46
N LEU A 1122 -1.43 25.70 6.93
CA LEU A 1122 -1.77 25.85 8.34
C LEU A 1122 -1.99 24.48 8.96
N PHE A 1123 -1.34 24.25 10.09
CA PHE A 1123 -1.49 22.98 10.79
C PHE A 1123 -2.86 22.89 11.45
N ASP A 1124 -3.33 21.66 11.60
CA ASP A 1124 -4.66 21.39 12.15
C ASP A 1124 -4.63 21.60 13.66
N CYS A 1125 -4.72 22.87 14.06
CA CYS A 1125 -4.77 23.24 15.47
C CYS A 1125 -5.55 24.55 15.58
N SER A 1126 -5.50 25.16 16.76
CA SER A 1126 -6.12 26.47 16.94
C SER A 1126 -5.30 27.56 16.23
N ILE A 1127 -5.94 28.69 15.97
CA ILE A 1127 -5.27 29.79 15.30
C ILE A 1127 -4.14 30.35 16.16
N ALA A 1128 -4.34 30.35 17.48
CA ALA A 1128 -3.32 30.90 18.38
C ALA A 1128 -2.02 30.12 18.26
N GLU A 1129 -2.09 28.79 18.20
CA GLU A 1129 -0.87 28.00 18.05
C GLU A 1129 -0.26 28.18 16.67
N ASN A 1130 -1.10 28.26 15.62
CA ASN A 1130 -0.58 28.51 14.28
C ASN A 1130 0.11 29.86 14.17
N ILE A 1131 -0.25 30.82 15.02
CA ILE A 1131 0.44 32.11 15.02
C ILE A 1131 1.69 32.06 15.89
N ALA A 1132 1.62 31.42 17.05
CA ALA A 1132 2.78 31.29 17.92
C ALA A 1132 3.85 30.37 17.36
N TYR A 1133 3.53 29.62 16.30
CA TYR A 1133 4.51 28.75 15.66
C TYR A 1133 5.70 29.51 15.11
N GLY A 1134 5.57 30.83 14.93
CA GLY A 1134 6.65 31.60 14.33
C GLY A 1134 7.95 31.55 15.13
N ASP A 1135 7.84 31.58 16.46
CA ASP A 1135 9.01 31.53 17.34
C ASP A 1135 8.81 30.40 18.35
N ASN A 1136 9.54 29.30 18.16
CA ASN A 1136 9.46 28.16 19.04
C ASN A 1136 10.54 28.16 20.13
N SER A 1137 11.37 29.20 20.19
CA SER A 1137 12.41 29.24 21.21
C SER A 1137 11.82 29.30 22.61
N ARG A 1138 10.78 30.11 22.80
CA ARG A 1138 10.10 30.20 24.08
C ARG A 1138 8.61 30.38 23.86
N VAL A 1139 7.83 30.02 24.87
CA VAL A 1139 6.38 30.13 24.77
C VAL A 1139 5.97 31.59 24.88
N VAL A 1140 5.18 32.05 23.92
CA VAL A 1140 4.66 33.42 23.91
C VAL A 1140 3.23 33.40 24.42
N SER A 1141 2.86 34.44 25.16
CA SER A 1141 1.53 34.55 25.73
C SER A 1141 0.55 35.07 24.67
N GLN A 1142 -0.67 35.36 25.09
CA GLN A 1142 -1.68 35.88 24.16
C GLN A 1142 -1.37 37.30 23.70
N GLU A 1143 -0.62 38.07 24.49
CA GLU A 1143 -0.39 39.47 24.16
C GLU A 1143 0.44 39.62 22.89
N GLU A 1144 1.50 38.82 22.75
CA GLU A 1144 2.31 38.89 21.54
C GLU A 1144 1.50 38.49 20.31
N ILE A 1145 0.68 37.45 20.43
CA ILE A 1145 -0.16 37.02 19.32
C ILE A 1145 -1.14 38.12 18.93
N VAL A 1146 -1.75 38.77 19.92
CA VAL A 1146 -2.70 39.84 19.64
C VAL A 1146 -2.01 41.02 18.96
N ARG A 1147 -0.83 41.41 19.44
CA ARG A 1147 -0.11 42.51 18.81
C ARG A 1147 0.28 42.16 17.37
N ALA A 1148 0.75 40.93 17.14
CA ALA A 1148 1.11 40.52 15.79
C ALA A 1148 -0.11 40.53 14.87
N ALA A 1149 -1.25 40.05 15.37
CA ALA A 1149 -2.47 40.09 14.58
C ALA A 1149 -2.88 41.52 14.26
N LYS A 1150 -2.72 42.43 15.22
CA LYS A 1150 -3.01 43.84 14.97
C LYS A 1150 -2.10 44.40 13.88
N GLU A 1151 -0.81 44.05 13.93
CA GLU A 1151 0.10 44.50 12.89
C GLU A 1151 -0.16 43.84 11.54
N ALA A 1152 -0.90 42.73 11.52
CA ALA A 1152 -1.21 42.02 10.29
C ALA A 1152 -2.59 42.34 9.75
N ASN A 1153 -3.35 43.21 10.42
CA ASN A 1153 -4.70 43.59 10.00
C ASN A 1153 -5.60 42.36 9.82
N ILE A 1154 -5.56 41.47 10.83
CA ILE A 1154 -6.33 40.24 10.79
C ILE A 1154 -7.12 40.10 12.09
N HIS A 1155 -6.85 40.99 13.04
CA HIS A 1155 -7.47 40.86 14.36
C HIS A 1155 -8.98 40.96 14.29
N ALA A 1156 -9.50 41.88 13.46
CA ALA A 1156 -10.93 42.07 13.37
C ALA A 1156 -11.64 40.81 12.86
N PHE A 1157 -11.08 40.19 11.83
CA PHE A 1157 -11.69 38.96 11.29
C PHE A 1157 -11.69 37.85 12.32
N ILE A 1158 -10.58 37.70 13.06
CA ILE A 1158 -10.49 36.65 14.06
C ILE A 1158 -11.49 36.90 15.19
N GLU A 1159 -11.62 38.15 15.61
CA GLU A 1159 -12.58 38.47 16.68
C GLU A 1159 -14.02 38.31 16.20
N SER A 1160 -14.28 38.49 14.91
CA SER A 1160 -15.63 38.31 14.39
C SER A 1160 -16.03 36.83 14.36
N LEU A 1161 -15.09 35.92 14.49
CA LEU A 1161 -15.41 34.50 14.50
C LEU A 1161 -16.14 34.11 15.78
N PRO A 1162 -16.97 33.06 15.75
CA PRO A 1162 -17.63 32.62 16.98
C PRO A 1162 -16.67 32.22 18.08
N ASN A 1163 -15.55 31.59 17.73
CA ASN A 1163 -14.50 31.26 18.68
C ASN A 1163 -13.34 32.23 18.49
N LYS A 1164 -12.94 32.90 19.58
CA LYS A 1164 -11.93 33.94 19.48
C LYS A 1164 -10.59 33.39 19.01
N TYR A 1165 -10.09 32.35 19.70
CA TYR A 1165 -8.82 31.76 19.32
C TYR A 1165 -8.79 30.24 19.37
N SER A 1166 -9.89 29.59 19.77
CA SER A 1166 -9.92 28.14 19.87
C SER A 1166 -10.45 27.46 18.61
N THR A 1167 -10.76 28.23 17.57
CA THR A 1167 -11.27 27.64 16.34
C THR A 1167 -10.18 26.85 15.63
N LYS A 1168 -10.56 25.70 15.09
CA LYS A 1168 -9.62 24.89 14.33
C LYS A 1168 -9.61 25.31 12.86
N VAL A 1169 -8.55 24.91 12.16
CA VAL A 1169 -8.37 25.26 10.76
C VAL A 1169 -7.88 24.02 10.01
N GLY A 1170 -7.99 24.07 8.69
CA GLY A 1170 -7.55 22.96 7.86
C GLY A 1170 -8.67 22.31 7.09
N ASP A 1171 -8.99 21.05 7.42
CA ASP A 1171 -10.05 20.32 6.73
C ASP A 1171 -11.40 20.48 7.45
N LYS A 1172 -11.45 20.12 8.72
CA LYS A 1172 -12.68 20.15 9.50
C LYS A 1172 -12.91 21.48 10.20
N GLY A 1173 -11.99 22.43 10.06
CA GLY A 1173 -12.13 23.74 10.67
C GLY A 1173 -12.85 24.73 9.79
N THR A 1174 -12.84 25.99 10.22
CA THR A 1174 -13.47 27.07 9.48
C THR A 1174 -12.59 27.46 8.30
N GLN A 1175 -13.08 27.23 7.09
CA GLN A 1175 -12.31 27.54 5.90
C GLN A 1175 -12.12 29.05 5.76
N LEU A 1176 -10.95 29.44 5.28
CA LEU A 1176 -10.60 30.85 5.11
C LEU A 1176 -10.20 31.12 3.67
N SER A 1177 -10.33 32.37 3.27
CA SER A 1177 -9.99 32.80 1.92
C SER A 1177 -8.47 32.99 1.81
N GLY A 1178 -8.02 33.35 0.60
CA GLY A 1178 -6.61 33.57 0.39
C GLY A 1178 -6.07 34.74 1.20
N GLY A 1179 -6.85 35.81 1.32
CA GLY A 1179 -6.39 36.96 2.09
C GLY A 1179 -6.22 36.65 3.55
N GLN A 1180 -7.16 35.91 4.14
CA GLN A 1180 -7.04 35.55 5.55
C GLN A 1180 -5.84 34.65 5.80
N LYS A 1181 -5.59 33.68 4.91
CA LYS A 1181 -4.42 32.82 5.06
C LYS A 1181 -3.14 33.63 4.92
N GLN A 1182 -3.10 34.57 3.96
CA GLN A 1182 -1.92 35.42 3.80
C GLN A 1182 -1.67 36.25 5.05
N ARG A 1183 -2.74 36.81 5.63
CA ARG A 1183 -2.59 37.60 6.85
C ARG A 1183 -2.12 36.75 8.02
N ILE A 1184 -2.62 35.51 8.13
CA ILE A 1184 -2.16 34.62 9.18
C ILE A 1184 -0.69 34.30 9.01
N ALA A 1185 -0.26 34.06 7.76
CA ALA A 1185 1.16 33.80 7.50
C ALA A 1185 2.01 35.01 7.85
N ILE A 1186 1.53 36.21 7.53
CA ILE A 1186 2.28 37.43 7.87
C ILE A 1186 2.40 37.56 9.38
N ALA A 1187 1.32 37.28 10.11
CA ALA A 1187 1.38 37.33 11.57
C ALA A 1187 2.38 36.31 12.12
N ARG A 1188 2.37 35.10 11.57
CA ARG A 1188 3.29 34.07 12.03
C ARG A 1188 4.73 34.48 11.77
N ALA A 1189 5.01 35.08 10.62
CA ALA A 1189 6.35 35.56 10.34
C ALA A 1189 6.75 36.70 11.27
N LEU A 1190 5.81 37.62 11.55
CA LEU A 1190 6.13 38.80 12.34
C LEU A 1190 6.28 38.48 13.82
N VAL A 1191 5.70 37.38 14.30
CA VAL A 1191 5.89 36.98 15.69
C VAL A 1191 7.37 36.76 15.98
N ARG A 1192 8.08 36.16 15.02
CA ARG A 1192 9.51 35.86 15.21
C ARG A 1192 10.34 37.13 15.32
N GLN A 1193 9.92 38.22 14.68
CA GLN A 1193 10.67 39.47 14.57
C GLN A 1193 12.04 39.20 13.95
N PRO A 1194 12.08 38.82 12.68
CA PRO A 1194 13.36 38.51 12.04
C PRO A 1194 14.05 39.78 11.54
N HIS A 1195 15.21 39.59 10.91
CA HIS A 1195 15.96 40.69 10.35
C HIS A 1195 16.04 40.67 8.83
N ILE A 1196 15.78 39.52 8.20
CA ILE A 1196 15.77 39.39 6.75
C ILE A 1196 14.47 38.71 6.35
N LEU A 1197 13.79 39.27 5.35
CA LEU A 1197 12.51 38.74 4.89
C LEU A 1197 12.68 38.13 3.50
N LEU A 1198 12.03 36.99 3.29
CA LEU A 1198 12.09 36.24 2.03
C LEU A 1198 10.66 36.05 1.54
N LEU A 1199 10.26 36.85 0.56
CA LEU A 1199 8.93 36.77 -0.03
C LEU A 1199 8.99 35.91 -1.30
N ASP A 1200 8.09 34.94 -1.38
CA ASP A 1200 8.04 34.01 -2.51
C ASP A 1200 6.70 34.17 -3.21
N GLU A 1201 6.64 35.14 -4.14
CA GLU A 1201 5.47 35.37 -4.98
C GLU A 1201 4.20 35.53 -4.15
N ALA A 1202 4.28 36.39 -3.13
CA ALA A 1202 3.14 36.62 -2.26
C ALA A 1202 1.96 37.20 -3.01
N THR A 1203 2.22 38.16 -3.91
CA THR A 1203 1.18 38.78 -4.71
C THR A 1203 0.90 37.93 -5.95
N SER A 1204 0.32 36.76 -5.71
CA SER A 1204 0.01 35.79 -6.74
C SER A 1204 -1.32 36.07 -7.45
N ALA A 1205 -1.84 37.29 -7.33
CA ALA A 1205 -3.11 37.68 -7.96
C ALA A 1205 -4.25 36.78 -7.51
N LEU A 1206 -4.52 36.82 -6.21
CA LEU A 1206 -5.59 36.02 -5.61
C LEU A 1206 -6.88 36.82 -5.70
N ASP A 1207 -7.55 36.73 -6.85
CA ASP A 1207 -8.87 37.30 -7.14
C ASP A 1207 -8.85 38.82 -7.23
N THR A 1208 -7.72 39.47 -6.95
CA THR A 1208 -7.58 40.93 -7.07
C THR A 1208 -8.68 41.66 -6.30
N GLU A 1209 -9.03 41.15 -5.13
CA GLU A 1209 -10.02 41.77 -4.26
C GLU A 1209 -9.46 42.14 -2.90
N SER A 1210 -8.71 41.23 -2.27
CA SER A 1210 -8.10 41.47 -0.98
C SER A 1210 -6.61 41.78 -1.09
N GLU A 1211 -6.13 42.13 -2.29
CA GLU A 1211 -4.71 42.37 -2.47
C GLU A 1211 -4.28 43.67 -1.81
N LYS A 1212 -5.17 44.66 -1.71
CA LYS A 1212 -4.78 45.95 -1.16
C LYS A 1212 -4.41 45.86 0.31
N VAL A 1213 -5.24 45.17 1.11
CA VAL A 1213 -5.01 45.10 2.54
C VAL A 1213 -3.74 44.31 2.85
N VAL A 1214 -3.55 43.16 2.19
CA VAL A 1214 -2.36 42.37 2.43
C VAL A 1214 -1.12 43.10 1.93
N GLN A 1215 -1.26 43.83 0.82
CA GLN A 1215 -0.12 44.59 0.28
C GLN A 1215 0.31 45.68 1.25
N GLU A 1216 -0.66 46.44 1.79
CA GLU A 1216 -0.31 47.50 2.72
C GLU A 1216 0.21 46.92 4.04
N ALA A 1217 -0.33 45.79 4.48
CA ALA A 1217 0.20 45.15 5.69
C ALA A 1217 1.64 44.70 5.49
N LEU A 1218 1.94 44.10 4.33
CA LEU A 1218 3.31 43.69 4.04
C LEU A 1218 4.24 44.89 3.97
N ASP A 1219 3.78 45.98 3.35
CA ASP A 1219 4.61 47.19 3.26
C ASP A 1219 4.85 47.78 4.64
N LYS A 1220 3.84 47.76 5.51
CA LYS A 1220 4.00 48.25 6.87
C LYS A 1220 4.94 47.37 7.68
N ALA A 1221 4.95 46.06 7.42
CA ALA A 1221 5.84 45.15 8.12
C ALA A 1221 7.24 45.09 7.51
N ARG A 1222 7.46 45.75 6.37
CA ARG A 1222 8.74 45.72 5.69
C ARG A 1222 9.65 46.88 6.06
N GLU A 1223 9.17 47.83 6.87
CA GLU A 1223 9.98 48.99 7.21
C GLU A 1223 11.15 48.59 8.10
N GLY A 1224 12.31 49.15 7.82
CA GLY A 1224 13.50 48.90 8.63
C GLY A 1224 13.93 47.46 8.66
N ARG A 1225 13.83 46.76 7.53
CA ARG A 1225 14.18 45.34 7.48
C ARG A 1225 14.54 44.97 6.05
N THR A 1226 15.64 44.23 5.90
CA THR A 1226 16.05 43.76 4.58
C THR A 1226 15.02 42.81 4.02
N CYS A 1227 14.76 42.93 2.71
CA CYS A 1227 13.77 42.09 2.06
C CYS A 1227 14.28 41.65 0.69
N ILE A 1228 13.78 40.51 0.24
CA ILE A 1228 14.06 39.99 -1.10
C ILE A 1228 12.78 39.38 -1.64
N VAL A 1229 12.25 39.95 -2.72
CA VAL A 1229 10.95 39.56 -3.26
C VAL A 1229 11.18 38.64 -4.45
N ILE A 1230 10.48 37.51 -4.45
CA ILE A 1230 10.54 36.57 -5.57
C ILE A 1230 9.18 36.46 -6.24
#